data_8F75
#
_entry.id   8F75
#
_cell.length_a   1.00
_cell.length_b   1.00
_cell.length_c   1.00
_cell.angle_alpha   90.00
_cell.angle_beta   90.00
_cell.angle_gamma   90.00
#
_symmetry.space_group_name_H-M   'P 1'
#
loop_
_entity.id
_entity.type
_entity.pdbx_description
1 polymer 'Volume-regulated anion channel subunit LRRC8A'
2 polymer 'Volume-regulated anion channel subunit LRRC8C'
#
loop_
_entity_poly.entity_id
_entity_poly.type
_entity_poly.pdbx_seq_one_letter_code
_entity_poly.pdbx_strand_id
1 'polypeptide(L)'
;DTGPTGIKYDLDRHQYNYVDAVCYENRLHWFAKYFPYLVLLHTLIFLACSNFWFKFPRTSSKLEHFVSILLKCFDSPWTT
RALSETVVEESDPKPAFSKMNGSMDKKSSTVSEDVEATVPMLQRTKSRIEQGIVDRSETGVLDKKEGEQAKALFEKVKKF
RTHVEEGDIVYRLYMRQTIIKVIKFALIICYTVYYVHNIKFDVDCTVDIESLTGYRTYRCAHPLATLFKILASFYISLVI
FYGLICMYTLWWMLRRSLKKYSFESIREESSYSDIPDVKNDFAFMLHLIDQYDPLYSKRFAVFLSEVSENKLRQLNLNNE
WTLDKLRQRLTKNAQDKLELHLFMLSGIPDTVFDLVELEVLKLELIPDVTIPPSIAQLTGLKELWLYHTAAKIEAPALAF
LRENLRALHIKFTDIKEIPLWIYSLKTLEELHLTGNLSAENNRYIVIDGLRELKRLKVLRLKSNLSKLPQVVTDVGVHLQ
KLSINNEGTKLIVLNSLKKMVNLTELELIRCDLERIPHSIFSLHNLQEIDLKDNNLKTIEEIISFQHLHRLTCLKLWYNH
IAYIPIQIGNLTNLERLYLNRNKIEKIPTQLFYCRKLRYLDLSHNNLTFLPADIGLLQNLQNLAVTANRIEALPPELFQC
RKLRALHLGNNVLQSLPSRVGELTNLTQIELRGNRLECLPVELGECPLLKRSGLVVEEDLFSTLPPEVKERLWRADKEQA
SNSLEVLFQ
;
A,B
2 'polypeptide(L)'
;MIPVTEFRQFSEQQPAFRVLKPWWDVFTDYLSVAMLMIGVFGCTLQVMQDKIICLPKRVQPAQNHSSVPNVSQAVISTTP
LPPPKPSPTNPATVEMKGLKTDLDLQQYSFINQMCYERALHWYAKYFPYLVLIHTLVFMLCSNFWFKFPGSSSKIEHFIS
ILGKCFDSPWTTRALSEVSGEDSEEKDNRKNNMNRSGTIQSGPEGNLVRSQSLKSIPEKFVVDKSAAGALDKKEGEQAKA
LFEKVKKFRLHVEEGDILYAMYVRQTVLKVIKFLIIIAYNSALVSKVQFTVDCNVDIQDMTGYKNFSCNHTMAHLFSKLS
FCYLCFVSIYGLTCLYTLYWLFYRSLREYSFEYVRQETGIDDIPDVKNDFAFMLHMIDQYDPLYSKRFAVFLSEVSENKL
KQLNLNNEWTPDKLRQKLQTNAHNRLELPLIMLSGLPDTVFEITELQSLKLEIIKNVMIPATIAQLDNLQELCLHQCSVK
IHSAALSFLKENLKVLSVKFDDMRELPPWMYGLRNLEELYLVGSLSHDISKNVTLESLRDLKSLKILSIKSNVSKIPQAV
VDVSSHLQKMCVHNDGTKLVMLNNLKKMTNLTELELVHCDLERIPHAVFSLLSLQELDLKENNLKSIEEIVSFQHLRKLT
VLKLWYNSIAYIPEHIKKLTSLERLFFSHNKVEVLPSHLFLCNKIRYLDLSYNDIRFIPPEIGVLQSLQYFSITCNKVES
LPDELYFCKKLKTLKIGKNSLSVLSPKIGNLLFLSYLDIKGNHFEVLPPELGDCRALKRAGLVVEDALFETLPSDVREQM
KADSNSENLYFQG
;
F
#
# COMPACT_ATOMS: atom_id res chain seq x y z
N LEU A 312 12.69 -29.55 29.15
CA LEU A 312 12.91 -28.39 30.05
C LEU A 312 12.96 -27.10 29.22
N ARG A 313 13.68 -27.11 28.09
CA ARG A 313 13.83 -25.85 27.31
C ARG A 313 12.47 -25.40 26.78
N GLN A 314 11.68 -26.33 26.22
CA GLN A 314 10.33 -25.97 25.70
C GLN A 314 9.49 -25.42 26.85
N LEU A 315 9.48 -26.12 27.99
CA LEU A 315 8.75 -25.65 29.16
C LEU A 315 9.24 -24.28 29.61
N ASN A 316 10.56 -24.08 29.60
CA ASN A 316 11.11 -22.78 29.97
C ASN A 316 10.70 -21.69 28.99
N LEU A 317 10.68 -22.01 27.69
CA LEU A 317 10.25 -21.02 26.70
C LEU A 317 8.77 -20.68 26.88
N ASN A 318 7.96 -21.67 27.24
CA ASN A 318 6.58 -21.38 27.62
C ASN A 318 6.53 -20.46 28.84
N ASN A 319 7.50 -20.61 29.75
CA ASN A 319 7.48 -19.82 30.98
C ASN A 319 7.95 -18.38 30.77
N GLU A 320 9.01 -18.18 29.99
CA GLU A 320 9.61 -16.84 29.92
C GLU A 320 8.79 -15.91 29.05
N TRP A 321 8.25 -16.42 27.94
CA TRP A 321 7.53 -15.58 26.99
C TRP A 321 6.15 -15.29 27.57
N THR A 322 6.08 -14.29 28.44
CA THR A 322 4.85 -13.98 29.16
C THR A 322 3.81 -13.37 28.23
N LEU A 323 2.57 -13.31 28.74
CA LEU A 323 1.45 -12.85 27.92
C LEU A 323 1.57 -11.38 27.56
N ASP A 324 1.92 -10.52 28.53
CA ASP A 324 1.93 -9.08 28.30
C ASP A 324 3.04 -8.68 27.34
N LYS A 325 4.20 -9.33 27.42
CA LYS A 325 5.27 -9.05 26.48
C LYS A 325 4.91 -9.52 25.07
N LEU A 326 4.07 -10.55 24.96
CA LEU A 326 3.53 -10.91 23.66
C LEU A 326 2.52 -9.87 23.17
N ARG A 327 1.73 -9.30 24.09
CA ARG A 327 0.79 -8.25 23.72
C ARG A 327 1.53 -7.03 23.16
N GLN A 328 2.63 -6.65 23.82
CA GLN A 328 3.43 -5.55 23.30
C GLN A 328 4.26 -5.97 22.09
N ARG A 329 4.42 -7.28 21.86
CA ARG A 329 5.10 -7.77 20.67
C ARG A 329 4.18 -7.78 19.45
N LEU A 330 2.86 -7.67 19.67
CA LEU A 330 1.91 -7.74 18.57
C LEU A 330 2.05 -6.54 17.63
N THR A 331 1.99 -6.80 16.33
CA THR A 331 2.10 -5.78 15.30
C THR A 331 1.00 -6.00 14.27
N LYS A 332 1.02 -5.19 13.21
CA LYS A 332 0.05 -5.29 12.13
C LYS A 332 0.77 -5.35 10.78
N ASN A 333 0.19 -6.09 9.86
CA ASN A 333 0.78 -6.32 8.55
C ASN A 333 0.21 -5.34 7.52
N ALA A 334 0.52 -5.57 6.25
CA ALA A 334 -0.03 -4.75 5.18
C ALA A 334 -1.53 -5.00 5.00
N GLN A 335 -2.00 -6.19 5.37
CA GLN A 335 -3.41 -6.52 5.29
C GLN A 335 -4.20 -6.14 6.53
N ASP A 336 -3.59 -5.34 7.42
CA ASP A 336 -4.23 -4.84 8.64
C ASP A 336 -4.71 -5.97 9.55
N LYS A 337 -3.87 -6.99 9.69
CA LYS A 337 -4.13 -8.13 10.57
C LYS A 337 -3.11 -8.15 11.69
N LEU A 338 -3.53 -8.54 12.88
CA LEU A 338 -2.63 -8.59 14.02
C LEU A 338 -1.57 -9.65 13.79
N GLU A 339 -0.32 -9.33 14.18
CA GLU A 339 0.83 -10.08 13.73
C GLU A 339 1.78 -10.39 14.89
N LEU A 340 2.54 -11.47 14.73
CA LEU A 340 3.50 -11.90 15.75
C LEU A 340 4.62 -12.67 15.06
N HIS A 341 5.83 -12.10 15.05
CA HIS A 341 6.98 -12.69 14.39
C HIS A 341 7.83 -13.42 15.42
N LEU A 342 7.87 -14.74 15.34
CA LEU A 342 8.71 -15.56 16.19
C LEU A 342 9.98 -15.90 15.42
N PHE A 343 11.09 -15.27 15.79
CA PHE A 343 12.36 -15.41 15.08
C PHE A 343 13.42 -15.98 16.01
N MET A 344 13.99 -17.11 15.62
CA MET A 344 15.14 -17.73 16.28
C MET A 344 14.82 -18.04 17.76
N LEU A 345 13.91 -18.97 17.93
CA LEU A 345 13.57 -19.50 19.25
C LEU A 345 13.82 -21.01 19.26
N SER A 346 14.04 -21.55 20.47
CA SER A 346 14.25 -22.99 20.61
C SER A 346 13.01 -23.77 20.20
N GLY A 347 11.84 -23.29 20.57
CA GLY A 347 10.59 -23.89 20.17
C GLY A 347 9.58 -22.78 19.93
N ILE A 348 8.33 -23.08 20.25
CA ILE A 348 7.25 -22.09 20.16
C ILE A 348 6.58 -21.99 21.52
N PRO A 349 6.42 -20.79 22.06
CA PRO A 349 5.80 -20.64 23.39
C PRO A 349 4.33 -21.03 23.37
N ASP A 350 3.88 -21.60 24.48
CA ASP A 350 2.46 -21.89 24.64
C ASP A 350 1.65 -20.63 24.96
N THR A 351 2.29 -19.59 25.51
CA THR A 351 1.59 -18.33 25.74
C THR A 351 1.34 -17.58 24.44
N VAL A 352 2.17 -17.80 23.42
CA VAL A 352 1.81 -17.36 22.07
C VAL A 352 0.50 -18.01 21.64
N PHE A 353 0.34 -19.30 21.97
CA PHE A 353 -0.83 -20.04 21.54
C PHE A 353 -2.02 -19.73 22.44
N ASP A 354 -1.77 -19.13 23.60
CA ASP A 354 -2.84 -18.66 24.49
C ASP A 354 -3.51 -17.39 23.97
N LEU A 355 -2.88 -16.70 23.02
CA LEU A 355 -3.42 -15.47 22.48
C LEU A 355 -4.72 -15.75 21.72
N VAL A 356 -5.58 -14.73 21.63
CA VAL A 356 -6.86 -14.90 20.96
C VAL A 356 -7.03 -13.84 19.88
N GLU A 357 -6.40 -12.67 20.06
CA GLU A 357 -6.52 -11.60 19.08
C GLU A 357 -5.54 -11.74 17.92
N LEU A 358 -4.60 -12.68 17.99
CA LEU A 358 -3.60 -12.82 16.96
C LEU A 358 -4.22 -13.35 15.67
N GLU A 359 -3.79 -12.79 14.53
CA GLU A 359 -4.28 -13.19 13.22
C GLU A 359 -3.22 -13.85 12.36
N VAL A 360 -2.02 -13.30 12.31
CA VAL A 360 -0.92 -13.84 11.52
C VAL A 360 0.24 -14.11 12.46
N LEU A 361 0.58 -15.39 12.66
CA LEU A 361 1.79 -15.77 13.39
C LEU A 361 2.88 -16.15 12.40
N LYS A 362 4.11 -15.71 12.66
CA LYS A 362 5.21 -15.81 11.70
C LYS A 362 6.30 -16.70 12.29
N LEU A 363 6.36 -17.95 11.84
CA LEU A 363 7.34 -18.92 12.36
C LEU A 363 8.58 -18.90 11.46
N GLU A 364 9.63 -18.23 11.93
CA GLU A 364 10.86 -18.08 11.17
C GLU A 364 12.02 -18.68 11.96
N LEU A 365 12.73 -19.61 11.32
CA LEU A 365 13.92 -20.27 11.88
C LEU A 365 13.61 -20.93 13.23
N ILE A 366 12.60 -21.80 13.22
CA ILE A 366 12.21 -22.55 14.41
C ILE A 366 12.58 -24.01 14.17
N PRO A 367 13.61 -24.54 14.85
CA PRO A 367 14.10 -25.88 14.55
C PRO A 367 13.28 -26.98 15.20
N ASP A 368 12.50 -27.69 14.39
CA ASP A 368 11.88 -28.97 14.75
C ASP A 368 10.96 -28.84 15.98
N VAL A 369 9.88 -28.09 15.78
CA VAL A 369 8.89 -27.89 16.83
C VAL A 369 7.62 -28.63 16.47
N THR A 370 6.81 -28.92 17.49
CA THR A 370 5.51 -29.54 17.33
C THR A 370 4.43 -28.53 17.70
N ILE A 371 3.37 -28.48 16.89
CA ILE A 371 2.28 -27.53 17.11
C ILE A 371 1.36 -28.11 18.18
N PRO A 372 1.19 -27.45 19.32
CA PRO A 372 0.26 -27.95 20.33
C PRO A 372 -1.17 -27.71 19.92
N PRO A 373 -2.12 -28.50 20.43
CA PRO A 373 -3.53 -28.29 20.10
C PRO A 373 -4.12 -27.03 20.72
N SER A 374 -3.38 -26.34 21.59
CA SER A 374 -3.81 -25.07 22.17
C SER A 374 -4.10 -24.00 21.13
N ILE A 375 -3.80 -24.27 19.85
CA ILE A 375 -4.24 -23.47 18.72
C ILE A 375 -5.75 -23.33 18.64
N ALA A 376 -6.51 -24.14 19.40
CA ALA A 376 -7.94 -23.89 19.51
C ALA A 376 -8.24 -22.53 20.13
N GLN A 377 -7.31 -22.00 20.94
CA GLN A 377 -7.46 -20.64 21.45
C GLN A 377 -7.24 -19.60 20.37
N LEU A 378 -6.42 -19.93 19.37
CA LEU A 378 -6.07 -18.99 18.30
C LEU A 378 -7.15 -19.03 17.22
N THR A 379 -8.31 -18.48 17.58
CA THR A 379 -9.45 -18.50 16.67
C THR A 379 -9.29 -17.49 15.54
N GLY A 380 -8.73 -16.32 15.83
CA GLY A 380 -8.49 -15.33 14.80
C GLY A 380 -7.30 -15.64 13.92
N LEU A 381 -6.54 -16.68 14.24
CA LEU A 381 -5.43 -17.12 13.42
C LEU A 381 -5.91 -17.58 12.05
N LYS A 382 -5.42 -16.93 11.00
CA LYS A 382 -5.76 -17.30 9.63
C LYS A 382 -4.55 -17.49 8.72
N GLU A 383 -3.40 -16.90 9.03
CA GLU A 383 -2.21 -16.99 8.18
C GLU A 383 -1.05 -17.57 9.00
N LEU A 384 -0.66 -18.80 8.67
CA LEU A 384 0.49 -19.45 9.24
C LEU A 384 1.68 -19.21 8.31
N TRP A 385 2.71 -18.53 8.82
CA TRP A 385 3.87 -18.18 8.00
C TRP A 385 5.01 -19.09 8.44
N LEU A 386 5.44 -19.98 7.55
CA LEU A 386 6.47 -20.95 7.87
C LEU A 386 7.75 -20.60 7.11
N TYR A 387 8.76 -20.14 7.83
CA TYR A 387 10.05 -19.80 7.26
C TYR A 387 11.09 -20.74 7.85
N HIS A 388 11.56 -21.69 7.03
CA HIS A 388 12.64 -22.62 7.40
C HIS A 388 12.30 -23.38 8.68
N THR A 389 11.01 -23.70 8.86
CA THR A 389 10.52 -24.31 10.08
C THR A 389 9.99 -25.70 9.75
N ALA A 390 10.68 -26.73 10.22
CA ALA A 390 10.20 -28.11 10.10
C ALA A 390 9.22 -28.35 11.24
N ALA A 391 7.93 -28.38 10.91
CA ALA A 391 6.88 -28.43 11.92
C ALA A 391 6.23 -29.81 11.94
N LYS A 392 6.17 -30.41 13.11
CA LYS A 392 5.36 -31.60 13.37
C LYS A 392 4.05 -31.15 13.99
N ILE A 393 3.02 -31.96 13.84
CA ILE A 393 1.66 -31.49 14.03
C ILE A 393 0.90 -32.51 14.89
N GLU A 394 0.11 -32.02 15.84
CA GLU A 394 -0.79 -32.87 16.60
C GLU A 394 -2.12 -33.01 15.88
N ALA A 395 -2.75 -34.17 16.06
CA ALA A 395 -3.97 -34.49 15.30
C ALA A 395 -5.13 -33.54 15.57
N PRO A 396 -5.51 -33.20 16.82
CA PRO A 396 -6.57 -32.18 16.98
C PRO A 396 -6.19 -30.82 16.43
N ALA A 397 -4.92 -30.42 16.56
CA ALA A 397 -4.46 -29.20 15.93
C ALA A 397 -4.47 -29.33 14.42
N LEU A 398 -4.20 -30.53 13.90
CA LEU A 398 -4.31 -30.75 12.46
C LEU A 398 -5.74 -30.54 11.97
N ALA A 399 -6.72 -31.08 12.72
CA ALA A 399 -8.11 -30.87 12.35
C ALA A 399 -8.51 -29.40 12.43
N PHE A 400 -8.03 -28.71 13.48
CA PHE A 400 -8.36 -27.30 13.65
C PHE A 400 -7.80 -26.47 12.48
N LEU A 401 -6.54 -26.73 12.12
CA LEU A 401 -5.94 -26.02 10.98
C LEU A 401 -6.59 -26.42 9.66
N ARG A 402 -7.09 -27.66 9.57
CA ARG A 402 -7.86 -28.06 8.41
C ARG A 402 -9.14 -27.25 8.29
N GLU A 403 -9.78 -26.93 9.41
CA GLU A 403 -11.04 -26.21 9.39
C GLU A 403 -10.91 -24.70 9.61
N ASN A 404 -9.73 -24.20 9.97
CA ASN A 404 -9.57 -22.76 10.20
C ASN A 404 -8.51 -22.12 9.31
N LEU A 405 -7.33 -22.72 9.21
CA LEU A 405 -6.20 -22.06 8.57
C LEU A 405 -6.44 -21.91 7.08
N ARG A 406 -6.19 -20.71 6.56
CA ARG A 406 -6.54 -20.37 5.19
C ARG A 406 -5.39 -19.84 4.34
N ALA A 407 -4.26 -19.45 4.93
CA ALA A 407 -3.13 -18.94 4.16
C ALA A 407 -1.84 -19.48 4.76
N LEU A 408 -1.04 -20.19 3.96
CA LEU A 408 0.21 -20.79 4.41
C LEU A 408 1.32 -20.40 3.45
N HIS A 409 2.39 -19.83 3.99
CA HIS A 409 3.58 -19.49 3.22
C HIS A 409 4.71 -20.41 3.68
N ILE A 410 5.31 -21.13 2.74
CA ILE A 410 6.34 -22.11 3.05
C ILE A 410 7.62 -21.67 2.35
N LYS A 411 8.64 -21.30 3.12
CA LYS A 411 9.99 -21.16 2.59
C LYS A 411 10.85 -22.27 3.18
N PHE A 412 11.62 -22.93 2.32
CA PHE A 412 12.49 -24.02 2.74
C PHE A 412 13.74 -24.01 1.89
N THR A 413 14.82 -24.54 2.47
CA THR A 413 16.07 -24.75 1.75
C THR A 413 16.21 -26.16 1.20
N ASP A 414 15.63 -27.15 1.87
CA ASP A 414 15.60 -28.53 1.40
C ASP A 414 14.17 -28.93 1.13
N ILE A 415 13.98 -29.78 0.12
CA ILE A 415 12.65 -30.24 -0.25
C ILE A 415 12.05 -31.19 0.80
N LYS A 416 12.85 -31.64 1.77
CA LYS A 416 12.32 -32.40 2.89
C LYS A 416 11.83 -31.51 4.01
N GLU A 417 12.15 -30.21 3.99
CA GLU A 417 11.75 -29.31 5.06
C GLU A 417 10.26 -28.97 5.03
N ILE A 418 9.62 -29.09 3.87
CA ILE A 418 8.20 -28.78 3.75
C ILE A 418 7.40 -29.83 4.51
N PRO A 419 6.49 -29.44 5.39
CA PRO A 419 5.67 -30.42 6.09
C PRO A 419 4.77 -31.20 5.13
N LEU A 420 4.58 -32.47 5.45
CA LEU A 420 3.74 -33.35 4.64
C LEU A 420 2.27 -33.29 5.02
N TRP A 421 1.92 -32.55 6.06
CA TRP A 421 0.53 -32.39 6.45
C TRP A 421 -0.13 -31.18 5.82
N ILE A 422 0.61 -30.42 5.01
CA ILE A 422 0.03 -29.27 4.32
C ILE A 422 -0.98 -29.72 3.27
N TYR A 423 -0.85 -30.95 2.76
CA TYR A 423 -1.82 -31.45 1.79
C TYR A 423 -3.15 -31.76 2.44
N SER A 424 -3.13 -32.17 3.71
CA SER A 424 -4.37 -32.45 4.44
C SER A 424 -5.18 -31.20 4.73
N LEU A 425 -4.60 -30.01 4.57
CA LEU A 425 -5.35 -28.77 4.76
C LEU A 425 -6.41 -28.62 3.68
N LYS A 426 -7.61 -28.24 4.09
CA LYS A 426 -8.72 -28.09 3.16
C LYS A 426 -9.25 -26.67 3.06
N THR A 427 -9.09 -25.84 4.09
CA THR A 427 -9.53 -24.45 4.05
C THR A 427 -8.45 -23.51 3.52
N LEU A 428 -7.32 -24.04 3.06
CA LEU A 428 -6.22 -23.23 2.58
C LEU A 428 -6.50 -22.75 1.15
N GLU A 429 -6.36 -21.44 0.93
CA GLU A 429 -6.48 -20.87 -0.40
C GLU A 429 -5.22 -20.19 -0.90
N GLU A 430 -4.41 -19.61 -0.03
CA GLU A 430 -3.20 -18.90 -0.42
C GLU A 430 -1.99 -19.72 -0.02
N LEU A 431 -1.18 -20.10 -1.00
CA LEU A 431 0.06 -20.83 -0.77
C LEU A 431 1.22 -20.08 -1.41
N HIS A 432 2.32 -19.98 -0.68
CA HIS A 432 3.51 -19.26 -1.13
C HIS A 432 4.71 -20.21 -0.98
N LEU A 433 4.92 -21.04 -1.99
CA LEU A 433 6.03 -22.01 -1.98
C LEU A 433 7.26 -21.30 -2.55
N THR A 434 8.02 -20.65 -1.68
CA THR A 434 9.25 -19.96 -2.07
C THR A 434 10.43 -20.84 -1.71
N GLY A 435 11.24 -21.18 -2.71
CA GLY A 435 12.31 -22.13 -2.50
C GLY A 435 12.19 -23.27 -3.49
N ASN A 436 13.32 -23.81 -3.95
CA ASN A 436 13.37 -24.69 -5.11
C ASN A 436 12.54 -25.96 -4.97
N LEU A 437 11.45 -26.05 -5.73
CA LEU A 437 10.70 -27.29 -5.85
C LEU A 437 11.30 -28.25 -6.87
N SER A 438 12.20 -27.78 -7.73
CA SER A 438 12.74 -28.58 -8.82
C SER A 438 13.98 -29.31 -8.33
N ALA A 439 13.88 -30.63 -8.18
CA ALA A 439 14.99 -31.47 -7.78
C ALA A 439 14.84 -32.82 -8.45
N GLU A 440 15.93 -33.59 -8.47
CA GLU A 440 15.94 -34.89 -9.13
C GLU A 440 14.98 -35.84 -8.41
N ASN A 441 13.94 -36.28 -9.14
CA ASN A 441 12.88 -37.19 -8.69
C ASN A 441 11.98 -36.54 -7.64
N ASN A 442 12.30 -35.32 -7.23
CA ASN A 442 11.41 -34.51 -6.40
C ASN A 442 10.90 -33.30 -7.15
N ARG A 443 11.10 -33.24 -8.46
CA ARG A 443 10.63 -32.13 -9.28
C ARG A 443 9.13 -32.25 -9.40
N TYR A 444 8.40 -31.54 -8.52
CA TYR A 444 6.96 -31.40 -8.46
C TYR A 444 6.29 -32.71 -8.04
N ILE A 445 7.06 -33.73 -7.66
CA ILE A 445 6.46 -34.95 -7.13
C ILE A 445 6.14 -34.78 -5.65
N VAL A 446 6.91 -33.95 -4.94
CA VAL A 446 6.59 -33.64 -3.55
C VAL A 446 5.30 -32.85 -3.46
N ILE A 447 5.10 -31.90 -4.37
CA ILE A 447 3.91 -31.06 -4.36
C ILE A 447 2.84 -31.68 -5.23
N ASP A 448 3.04 -32.94 -5.64
CA ASP A 448 1.96 -33.66 -6.31
C ASP A 448 0.76 -33.87 -5.40
N GLY A 449 0.92 -33.67 -4.09
CA GLY A 449 -0.16 -33.66 -3.14
C GLY A 449 -0.96 -32.39 -3.08
N LEU A 450 -0.63 -31.35 -3.85
CA LEU A 450 -1.54 -30.21 -3.92
C LEU A 450 -2.80 -30.51 -4.74
N ARG A 451 -2.87 -31.67 -5.39
CA ARG A 451 -4.15 -32.14 -5.91
C ARG A 451 -5.16 -32.33 -4.79
N GLU A 452 -4.70 -32.67 -3.58
CA GLU A 452 -5.59 -32.74 -2.43
C GLU A 452 -6.11 -31.35 -2.04
N LEU A 453 -5.31 -30.31 -2.25
CA LEU A 453 -5.78 -28.95 -2.05
C LEU A 453 -6.86 -28.63 -3.08
N LYS A 454 -7.98 -28.08 -2.60
CA LYS A 454 -9.13 -27.83 -3.46
C LYS A 454 -9.42 -26.35 -3.67
N ARG A 455 -9.34 -25.53 -2.61
CA ARG A 455 -9.70 -24.12 -2.69
C ARG A 455 -8.50 -23.22 -2.93
N LEU A 456 -7.37 -23.77 -3.36
CA LEU A 456 -6.17 -22.97 -3.56
C LEU A 456 -6.36 -22.01 -4.73
N LYS A 457 -6.24 -20.71 -4.44
CA LYS A 457 -6.42 -19.66 -5.44
C LYS A 457 -5.18 -18.83 -5.70
N VAL A 458 -4.32 -18.64 -4.69
CA VAL A 458 -3.08 -17.90 -4.84
C VAL A 458 -1.93 -18.89 -4.64
N LEU A 459 -1.08 -19.02 -5.66
CA LEU A 459 0.04 -19.96 -5.62
C LEU A 459 1.30 -19.22 -6.04
N ARG A 460 1.99 -18.64 -5.06
CA ARG A 460 3.26 -17.97 -5.31
C ARG A 460 4.39 -19.00 -5.30
N LEU A 461 5.23 -18.97 -6.33
CA LEU A 461 6.30 -19.95 -6.52
C LEU A 461 7.61 -19.21 -6.80
N LYS A 462 8.34 -18.84 -5.77
CA LYS A 462 9.71 -18.34 -5.96
C LYS A 462 10.67 -19.52 -5.78
N SER A 463 10.81 -20.28 -6.87
CA SER A 463 11.36 -21.63 -6.74
C SER A 463 12.31 -22.03 -7.86
N ASN A 464 12.71 -21.09 -8.73
CA ASN A 464 13.67 -21.35 -9.82
C ASN A 464 13.21 -22.49 -10.73
N LEU A 465 11.94 -22.46 -11.13
CA LEU A 465 11.36 -23.53 -11.94
C LEU A 465 11.87 -23.44 -13.38
N SER A 466 12.52 -24.51 -13.84
CA SER A 466 12.98 -24.55 -15.22
C SER A 466 11.80 -24.63 -16.19
N LYS A 467 10.86 -25.52 -15.91
CA LYS A 467 9.61 -25.59 -16.67
C LYS A 467 8.46 -25.63 -15.68
N LEU A 468 7.34 -25.03 -16.06
CA LEU A 468 6.18 -24.98 -15.19
C LEU A 468 5.62 -26.39 -14.97
N PRO A 469 5.21 -26.71 -13.75
CA PRO A 469 4.78 -28.08 -13.44
C PRO A 469 3.53 -28.50 -14.17
N GLN A 470 3.38 -29.81 -14.35
CA GLN A 470 2.11 -30.36 -14.82
C GLN A 470 1.07 -30.35 -13.71
N VAL A 471 1.51 -30.34 -12.45
CA VAL A 471 0.57 -30.35 -11.34
C VAL A 471 -0.21 -29.05 -11.26
N VAL A 472 0.41 -27.93 -11.67
CA VAL A 472 -0.38 -26.70 -11.67
C VAL A 472 -1.28 -26.65 -12.89
N THR A 473 -0.92 -27.35 -13.97
CA THR A 473 -1.88 -27.52 -15.07
C THR A 473 -3.08 -28.32 -14.62
N ASP A 474 -2.88 -29.27 -13.70
CA ASP A 474 -4.01 -30.00 -13.14
C ASP A 474 -4.81 -29.15 -12.16
N VAL A 475 -4.14 -28.27 -11.41
CA VAL A 475 -4.81 -27.53 -10.35
C VAL A 475 -5.46 -26.24 -10.83
N GLY A 476 -4.91 -25.59 -11.86
CA GLY A 476 -5.26 -24.23 -12.26
C GLY A 476 -6.67 -24.01 -12.74
N VAL A 477 -7.53 -25.04 -12.72
CA VAL A 477 -8.95 -24.82 -12.98
C VAL A 477 -9.54 -23.90 -11.92
N HIS A 478 -9.10 -24.04 -10.67
CA HIS A 478 -9.58 -23.21 -9.58
C HIS A 478 -8.58 -22.14 -9.15
N LEU A 479 -7.36 -22.15 -9.69
CA LEU A 479 -6.35 -21.18 -9.28
C LEU A 479 -6.65 -19.81 -9.90
N GLN A 480 -6.48 -18.77 -9.10
CA GLN A 480 -6.83 -17.41 -9.52
C GLN A 480 -5.64 -16.46 -9.53
N LYS A 481 -4.46 -16.90 -9.10
CA LYS A 481 -3.26 -16.07 -9.15
C LYS A 481 -2.04 -16.99 -9.20
N LEU A 482 -1.11 -16.69 -10.11
CA LEU A 482 0.07 -17.53 -10.33
C LEU A 482 1.29 -16.62 -10.38
N SER A 483 1.91 -16.41 -9.22
CA SER A 483 3.12 -15.58 -9.11
C SER A 483 4.33 -16.52 -9.11
N ILE A 484 5.05 -16.55 -10.23
CA ILE A 484 6.19 -17.43 -10.41
C ILE A 484 7.44 -16.57 -10.50
N ASN A 485 8.37 -16.76 -9.57
CA ASN A 485 9.66 -16.08 -9.55
C ASN A 485 10.74 -17.13 -9.71
N ASN A 486 11.40 -17.15 -10.86
CA ASN A 486 12.51 -18.08 -11.05
C ASN A 486 13.87 -17.45 -10.78
N GLU A 487 13.91 -16.13 -10.54
CA GLU A 487 15.15 -15.41 -10.25
C GLU A 487 16.20 -15.59 -11.34
N GLY A 488 15.76 -15.77 -12.58
CA GLY A 488 16.69 -15.88 -13.70
C GLY A 488 16.61 -17.16 -14.49
N THR A 489 15.47 -17.85 -14.47
CA THR A 489 15.28 -19.08 -15.23
C THR A 489 14.05 -18.95 -16.12
N LYS A 490 14.24 -19.20 -17.42
CA LYS A 490 13.17 -19.01 -18.40
C LYS A 490 12.14 -20.12 -18.31
N LEU A 491 10.86 -19.76 -18.41
CA LEU A 491 9.78 -20.73 -18.49
C LEU A 491 9.58 -21.19 -19.92
N ILE A 492 9.47 -22.50 -20.10
CA ILE A 492 8.96 -23.08 -21.35
C ILE A 492 7.48 -23.34 -21.09
N VAL A 493 6.65 -22.33 -21.37
CA VAL A 493 5.25 -22.37 -20.98
C VAL A 493 4.47 -23.38 -21.80
N LEU A 494 4.76 -23.45 -23.11
CA LEU A 494 4.17 -24.42 -24.03
C LEU A 494 2.65 -24.29 -24.11
N ASN A 495 2.13 -23.08 -23.85
CA ASN A 495 0.70 -22.77 -23.94
C ASN A 495 -0.13 -23.69 -23.05
N SER A 496 0.38 -24.00 -21.87
CA SER A 496 -0.26 -24.93 -20.95
C SER A 496 -1.25 -24.25 -20.01
N LEU A 497 -1.42 -22.93 -20.13
CA LEU A 497 -2.37 -22.21 -19.27
C LEU A 497 -3.79 -22.23 -19.83
N LYS A 498 -4.02 -22.90 -20.97
CA LYS A 498 -5.37 -22.97 -21.52
C LYS A 498 -6.32 -23.74 -20.60
N LYS A 499 -5.81 -24.79 -19.95
CA LYS A 499 -6.62 -25.50 -18.95
C LYS A 499 -6.76 -24.70 -17.67
N MET A 500 -6.00 -23.62 -17.53
CA MET A 500 -6.01 -22.78 -16.32
C MET A 500 -6.78 -21.51 -16.66
N VAL A 501 -8.11 -21.58 -16.48
CA VAL A 501 -9.01 -20.56 -17.03
C VAL A 501 -9.49 -19.54 -16.02
N ASN A 502 -9.27 -19.75 -14.73
CA ASN A 502 -9.87 -18.92 -13.70
C ASN A 502 -8.90 -17.89 -13.13
N LEU A 503 -7.76 -17.67 -13.76
CA LEU A 503 -6.82 -16.67 -13.25
C LEU A 503 -7.35 -15.26 -13.48
N THR A 504 -7.30 -14.45 -12.43
CA THR A 504 -7.52 -13.02 -12.56
C THR A 504 -6.24 -12.21 -12.48
N GLU A 505 -5.17 -12.79 -11.95
CA GLU A 505 -3.88 -12.12 -11.82
C GLU A 505 -2.78 -13.08 -12.22
N LEU A 506 -1.78 -12.60 -12.95
CA LEU A 506 -0.61 -13.37 -13.31
C LEU A 506 0.62 -12.49 -13.13
N GLU A 507 1.51 -12.89 -12.22
CA GLU A 507 2.69 -12.11 -11.88
C GLU A 507 3.93 -12.95 -12.20
N LEU A 508 4.39 -12.86 -13.44
CA LEU A 508 5.65 -13.49 -13.85
C LEU A 508 6.78 -12.50 -13.60
N ILE A 509 7.45 -12.65 -12.46
CA ILE A 509 8.48 -11.70 -12.03
C ILE A 509 9.84 -12.38 -12.08
N ARG A 510 10.83 -11.66 -12.59
CA ARG A 510 12.23 -12.11 -12.69
C ARG A 510 12.37 -13.46 -13.39
N CYS A 511 11.58 -13.68 -14.44
CA CYS A 511 11.61 -14.96 -15.13
C CYS A 511 12.56 -15.00 -16.33
N ASP A 512 13.07 -13.83 -16.76
CA ASP A 512 13.98 -13.73 -17.91
C ASP A 512 13.36 -14.35 -19.16
N LEU A 513 12.07 -14.06 -19.37
CA LEU A 513 11.35 -14.64 -20.50
C LEU A 513 11.88 -14.13 -21.84
N GLU A 514 12.25 -12.85 -21.89
CA GLU A 514 12.73 -12.11 -23.06
C GLU A 514 11.67 -11.94 -24.14
N ARG A 515 10.46 -12.46 -23.93
CA ARG A 515 9.34 -12.31 -24.85
C ARG A 515 8.06 -12.67 -24.11
N ILE A 516 6.93 -12.09 -24.54
CA ILE A 516 5.60 -12.40 -23.94
C ILE A 516 5.10 -13.73 -24.51
N PRO A 517 4.87 -14.79 -23.69
CA PRO A 517 4.32 -16.06 -24.18
C PRO A 517 2.85 -15.94 -24.62
N HIS A 518 2.37 -16.93 -25.38
CA HIS A 518 0.99 -16.87 -25.91
C HIS A 518 0.00 -17.53 -24.94
N SER A 519 0.47 -18.04 -23.79
CA SER A 519 -0.45 -18.59 -22.81
C SER A 519 -1.28 -17.50 -22.15
N ILE A 520 -0.67 -16.34 -21.87
CA ILE A 520 -1.42 -15.19 -21.39
C ILE A 520 -2.44 -14.75 -22.42
N PHE A 521 -2.13 -14.93 -23.70
CA PHE A 521 -3.04 -14.51 -24.77
C PHE A 521 -4.20 -15.48 -24.92
N SER A 522 -3.96 -16.77 -24.67
CA SER A 522 -5.02 -17.77 -24.72
C SER A 522 -6.01 -17.60 -23.59
N LEU A 523 -5.56 -17.09 -22.44
CA LEU A 523 -6.43 -16.84 -21.30
C LEU A 523 -7.34 -15.66 -21.59
N HIS A 524 -8.41 -15.52 -20.81
CA HIS A 524 -9.36 -14.45 -21.05
C HIS A 524 -9.78 -13.72 -19.77
N ASN A 525 -9.62 -14.36 -18.62
CA ASN A 525 -10.14 -13.80 -17.37
C ASN A 525 -9.15 -12.90 -16.64
N LEU A 526 -7.95 -12.69 -17.18
CA LEU A 526 -6.93 -11.92 -16.47
C LEU A 526 -7.29 -10.45 -16.42
N GLN A 527 -7.12 -9.83 -15.25
CA GLN A 527 -7.29 -8.40 -15.10
C GLN A 527 -6.04 -7.67 -14.59
N GLU A 528 -5.09 -8.37 -14.00
CA GLU A 528 -3.84 -7.78 -13.53
C GLU A 528 -2.69 -8.63 -14.06
N ILE A 529 -1.96 -8.10 -15.05
CA ILE A 529 -0.86 -8.81 -15.68
C ILE A 529 0.43 -8.10 -15.31
N ASP A 530 1.31 -8.81 -14.62
CA ASP A 530 2.63 -8.29 -14.26
C ASP A 530 3.69 -9.15 -14.93
N LEU A 531 4.59 -8.50 -15.67
CA LEU A 531 5.70 -9.16 -16.36
C LEU A 531 7.01 -8.51 -15.94
N LYS A 532 7.17 -8.34 -14.62
CA LYS A 532 8.32 -7.65 -14.07
C LYS A 532 9.61 -8.40 -14.32
N ASP A 533 10.63 -7.67 -14.79
CA ASP A 533 12.00 -8.18 -14.92
C ASP A 533 12.08 -9.43 -15.79
N ASN A 534 11.24 -9.48 -16.82
CA ASN A 534 11.23 -10.57 -17.77
C ASN A 534 12.17 -10.31 -18.95
N ASN A 535 12.96 -9.23 -18.88
CA ASN A 535 13.89 -8.84 -19.95
C ASN A 535 13.17 -8.65 -21.28
N LEU A 536 11.98 -8.04 -21.22
CA LEU A 536 11.15 -7.82 -22.40
C LEU A 536 11.76 -6.72 -23.24
N LYS A 537 12.51 -7.10 -24.27
CA LYS A 537 13.09 -6.10 -25.18
C LYS A 537 12.02 -5.51 -26.10
N THR A 538 11.13 -6.35 -26.62
CA THR A 538 10.07 -5.93 -27.51
C THR A 538 8.72 -6.41 -26.97
N ILE A 539 7.71 -5.54 -27.04
CA ILE A 539 6.38 -5.85 -26.53
C ILE A 539 5.36 -5.71 -27.65
N GLU A 540 5.77 -6.04 -28.88
CA GLU A 540 4.92 -5.84 -30.06
C GLU A 540 3.68 -6.71 -30.08
N GLU A 541 3.60 -7.74 -29.24
CA GLU A 541 2.47 -8.66 -29.27
C GLU A 541 1.18 -8.05 -28.75
N ILE A 542 1.25 -6.93 -28.03
CA ILE A 542 0.11 -6.36 -27.30
C ILE A 542 -1.08 -6.02 -28.18
N ILE A 543 -0.92 -6.06 -29.51
CA ILE A 543 -2.05 -5.88 -30.42
C ILE A 543 -3.13 -6.91 -30.15
N SER A 544 -2.72 -8.15 -29.82
CA SER A 544 -3.68 -9.18 -29.50
C SER A 544 -4.29 -9.02 -28.12
N PHE A 545 -3.78 -8.10 -27.29
CA PHE A 545 -4.29 -7.92 -25.94
C PHE A 545 -5.71 -7.35 -25.90
N GLN A 546 -6.23 -6.86 -27.03
CA GLN A 546 -7.64 -6.50 -27.08
C GLN A 546 -8.53 -7.73 -26.89
N HIS A 547 -8.01 -8.92 -27.19
CA HIS A 547 -8.73 -10.14 -26.89
C HIS A 547 -9.00 -10.28 -25.40
N LEU A 548 -8.07 -9.79 -24.58
CA LEU A 548 -8.23 -9.82 -23.12
C LEU A 548 -9.08 -8.62 -22.73
N HIS A 549 -10.39 -8.81 -22.72
CA HIS A 549 -11.30 -7.68 -22.51
C HIS A 549 -11.33 -7.17 -21.07
N ARG A 550 -10.70 -7.87 -20.13
CA ARG A 550 -10.83 -7.54 -18.72
C ARG A 550 -9.55 -7.01 -18.08
N LEU A 551 -8.46 -6.88 -18.82
CA LEU A 551 -7.20 -6.47 -18.21
C LEU A 551 -7.28 -5.00 -17.80
N THR A 552 -6.77 -4.70 -16.61
CA THR A 552 -6.82 -3.34 -16.07
C THR A 552 -5.50 -2.87 -15.48
N CYS A 553 -4.47 -3.72 -15.44
CA CYS A 553 -3.19 -3.33 -14.86
C CYS A 553 -2.09 -4.10 -15.59
N LEU A 554 -1.48 -3.47 -16.58
CA LEU A 554 -0.43 -4.08 -17.38
C LEU A 554 0.92 -3.60 -16.84
N LYS A 555 1.44 -4.32 -15.86
CA LYS A 555 2.67 -3.94 -15.16
C LYS A 555 3.87 -4.42 -15.97
N LEU A 556 4.18 -3.69 -17.03
CA LEU A 556 5.35 -3.98 -17.86
C LEU A 556 6.54 -3.13 -17.42
N TRP A 557 6.93 -3.31 -16.17
CA TRP A 557 8.03 -2.57 -15.57
C TRP A 557 9.25 -3.46 -15.38
N TYR A 558 10.38 -2.82 -15.10
CA TYR A 558 11.66 -3.47 -14.82
C TYR A 558 12.18 -4.30 -15.98
N ASN A 559 11.71 -4.03 -17.20
CA ASN A 559 12.10 -4.77 -18.38
C ASN A 559 13.02 -3.92 -19.25
N HIS A 560 13.38 -4.48 -20.41
CA HIS A 560 14.22 -3.78 -21.38
C HIS A 560 13.40 -3.13 -22.49
N ILE A 561 12.20 -2.66 -22.16
CA ILE A 561 11.30 -2.07 -23.16
C ILE A 561 11.85 -0.71 -23.58
N ALA A 562 12.17 -0.57 -24.87
CA ALA A 562 12.73 0.67 -25.39
C ALA A 562 11.72 1.53 -26.14
N TYR A 563 10.56 0.98 -26.49
CA TYR A 563 9.53 1.74 -27.20
C TYR A 563 8.19 1.09 -26.93
N ILE A 564 7.12 1.83 -27.21
CA ILE A 564 5.76 1.34 -27.04
C ILE A 564 5.09 1.30 -28.41
N PRO A 565 4.62 0.14 -28.86
CA PRO A 565 3.87 0.10 -30.12
C PRO A 565 2.53 0.82 -30.01
N ILE A 566 2.05 1.31 -31.16
CA ILE A 566 0.83 2.12 -31.16
C ILE A 566 -0.42 1.30 -30.86
N GLN A 567 -0.36 -0.02 -30.98
CA GLN A 567 -1.52 -0.86 -30.72
C GLN A 567 -1.94 -0.88 -29.26
N ILE A 568 -1.13 -0.32 -28.37
CA ILE A 568 -1.55 -0.11 -26.99
C ILE A 568 -2.74 0.86 -26.93
N GLY A 569 -2.94 1.67 -27.97
CA GLY A 569 -4.15 2.47 -28.07
C GLY A 569 -5.41 1.63 -28.18
N ASN A 570 -5.29 0.39 -28.68
CA ASN A 570 -6.43 -0.51 -28.68
C ASN A 570 -6.80 -0.95 -27.27
N LEU A 571 -5.85 -0.90 -26.34
CA LEU A 571 -6.08 -1.31 -24.95
C LEU A 571 -6.71 -0.16 -24.19
N THR A 572 -8.02 0.01 -24.38
CA THR A 572 -8.76 1.06 -23.68
C THR A 572 -9.11 0.67 -22.25
N ASN A 573 -8.97 -0.60 -21.89
CA ASN A 573 -9.37 -1.07 -20.57
C ASN A 573 -8.28 -0.93 -19.52
N LEU A 574 -7.08 -0.48 -19.88
CA LEU A 574 -6.00 -0.33 -18.92
C LEU A 574 -6.32 0.80 -17.94
N GLU A 575 -6.10 0.54 -16.65
CA GLU A 575 -6.22 1.56 -15.62
C GLU A 575 -4.89 1.95 -15.00
N ARG A 576 -3.99 1.00 -14.80
CA ARG A 576 -2.64 1.27 -14.30
C ARG A 576 -1.64 0.69 -15.28
N LEU A 577 -0.78 1.52 -15.83
CA LEU A 577 0.21 1.09 -16.82
C LEU A 577 1.59 1.40 -16.23
N TYR A 578 2.17 0.41 -15.58
CA TYR A 578 3.43 0.55 -14.85
C TYR A 578 4.58 0.22 -15.81
N LEU A 579 5.11 1.24 -16.48
CA LEU A 579 6.23 1.06 -17.39
C LEU A 579 7.54 1.61 -16.83
N ASN A 580 7.62 1.80 -15.51
CA ASN A 580 8.80 2.43 -14.93
C ASN A 580 10.00 1.49 -15.00
N ARG A 581 11.19 2.10 -14.87
CA ARG A 581 12.48 1.40 -14.95
C ARG A 581 12.64 0.66 -16.27
N ASN A 582 12.18 1.27 -17.35
CA ASN A 582 12.35 0.75 -18.71
C ASN A 582 13.21 1.72 -19.52
N LYS A 583 13.47 1.36 -20.77
CA LYS A 583 14.32 2.14 -21.66
C LYS A 583 13.51 2.93 -22.69
N ILE A 584 12.24 3.21 -22.40
CA ILE A 584 11.40 3.93 -23.36
C ILE A 584 11.83 5.38 -23.43
N GLU A 585 12.03 5.88 -24.65
CA GLU A 585 12.50 7.24 -24.86
C GLU A 585 11.44 8.19 -25.41
N LYS A 586 10.40 7.66 -26.07
CA LYS A 586 9.32 8.50 -26.58
C LYS A 586 7.98 7.79 -26.36
N ILE A 587 6.99 8.55 -25.92
CA ILE A 587 5.63 8.06 -25.79
C ILE A 587 4.88 8.36 -27.08
N PRO A 588 4.42 7.34 -27.82
CA PRO A 588 3.52 7.61 -28.94
C PRO A 588 2.19 8.15 -28.44
N THR A 589 1.57 9.00 -29.28
CA THR A 589 0.31 9.62 -28.89
C THR A 589 -0.83 8.61 -28.84
N GLN A 590 -0.67 7.47 -29.52
CA GLN A 590 -1.71 6.44 -29.50
C GLN A 590 -1.89 5.86 -28.09
N LEU A 591 -0.79 5.69 -27.36
CA LEU A 591 -0.88 5.31 -25.94
C LEU A 591 -1.72 6.31 -25.16
N PHE A 592 -1.73 7.56 -25.59
CA PHE A 592 -2.45 8.62 -24.90
C PHE A 592 -3.92 8.64 -25.29
N TYR A 593 -4.37 7.68 -26.11
CA TYR A 593 -5.79 7.57 -26.45
C TYR A 593 -6.59 6.96 -25.29
N CYS A 594 -5.96 6.11 -24.49
CA CYS A 594 -6.67 5.34 -23.46
C CYS A 594 -7.12 6.26 -22.35
N ARG A 595 -8.42 6.54 -22.29
CA ARG A 595 -8.97 7.46 -21.30
C ARG A 595 -9.01 6.86 -19.89
N LYS A 596 -8.87 5.55 -19.76
CA LYS A 596 -9.06 4.91 -18.45
C LYS A 596 -7.78 4.82 -17.63
N LEU A 597 -6.66 5.34 -18.13
CA LEU A 597 -5.41 5.29 -17.38
C LEU A 597 -5.48 6.17 -16.14
N ARG A 598 -5.13 5.59 -15.00
CA ARG A 598 -5.16 6.26 -13.71
C ARG A 598 -3.80 6.39 -13.06
N TYR A 599 -2.91 5.41 -13.24
CA TYR A 599 -1.58 5.39 -12.63
C TYR A 599 -0.56 5.28 -13.76
N LEU A 600 -0.18 6.41 -14.34
CA LEU A 600 0.80 6.42 -15.43
C LEU A 600 2.18 6.64 -14.83
N ASP A 601 2.82 5.55 -14.43
CA ASP A 601 4.17 5.60 -13.85
C ASP A 601 5.17 5.29 -14.96
N LEU A 602 5.88 6.30 -15.41
CA LEU A 602 6.92 6.16 -16.43
C LEU A 602 8.28 6.57 -15.89
N SER A 603 8.51 6.34 -14.60
CA SER A 603 9.70 6.82 -13.93
C SER A 603 10.93 6.04 -14.37
N HIS A 604 12.10 6.66 -14.15
CA HIS A 604 13.41 6.05 -14.39
C HIS A 604 13.57 5.57 -15.84
N ASN A 605 13.06 6.37 -16.77
CA ASN A 605 13.04 6.04 -18.19
C ASN A 605 13.83 7.09 -18.97
N ASN A 606 13.74 7.01 -20.29
CA ASN A 606 14.48 7.90 -21.18
C ASN A 606 13.59 8.96 -21.84
N LEU A 607 12.43 9.24 -21.26
CA LEU A 607 11.55 10.26 -21.82
C LEU A 607 12.16 11.65 -21.70
N THR A 608 12.21 12.37 -22.82
CA THR A 608 12.72 13.73 -22.86
C THR A 608 11.63 14.79 -22.89
N PHE A 609 10.46 14.46 -23.41
CA PHE A 609 9.34 15.39 -23.48
C PHE A 609 8.06 14.67 -23.08
N LEU A 610 7.08 15.46 -22.65
CA LEU A 610 5.76 14.93 -22.30
C LEU A 610 4.75 15.50 -23.29
N PRO A 611 4.02 14.66 -24.03
CA PRO A 611 3.04 15.18 -25.00
C PRO A 611 1.89 15.90 -24.31
N ALA A 612 1.30 16.85 -25.03
CA ALA A 612 0.22 17.65 -24.46
C ALA A 612 -1.07 16.85 -24.31
N ASP A 613 -1.20 15.74 -25.04
CA ASP A 613 -2.42 14.95 -25.04
C ASP A 613 -2.67 14.32 -23.65
N ILE A 614 -1.71 14.45 -22.73
CA ILE A 614 -1.91 14.09 -21.33
C ILE A 614 -3.09 14.82 -20.72
N GLY A 615 -3.45 16.00 -21.24
CA GLY A 615 -4.64 16.68 -20.77
C GLY A 615 -5.93 15.95 -21.06
N LEU A 616 -5.93 15.09 -22.08
CA LEU A 616 -7.07 14.24 -22.37
C LEU A 616 -7.27 13.18 -21.30
N LEU A 617 -6.18 12.69 -20.69
CA LEU A 617 -6.26 11.65 -19.67
C LEU A 617 -6.76 12.29 -18.38
N GLN A 618 -8.07 12.47 -18.29
CA GLN A 618 -8.67 13.13 -17.14
C GLN A 618 -8.68 12.24 -15.90
N ASN A 619 -8.68 10.92 -16.09
CA ASN A 619 -8.73 10.01 -14.96
C ASN A 619 -7.37 9.74 -14.34
N LEU A 620 -6.30 10.32 -14.88
CA LEU A 620 -4.97 10.13 -14.31
C LEU A 620 -4.89 10.74 -12.92
N GLN A 621 -4.31 9.99 -11.98
CA GLN A 621 -4.18 10.44 -10.61
C GLN A 621 -2.72 10.61 -10.20
N ASN A 622 -1.87 9.62 -10.40
CA ASN A 622 -0.48 9.67 -9.96
C ASN A 622 0.42 9.54 -11.18
N LEU A 623 0.86 10.68 -11.71
CA LEU A 623 1.79 10.69 -12.84
C LEU A 623 3.21 10.75 -12.27
N ALA A 624 3.90 9.61 -12.28
CA ALA A 624 5.26 9.52 -11.76
C ALA A 624 6.22 9.43 -12.94
N VAL A 625 6.89 10.55 -13.23
CA VAL A 625 7.89 10.61 -14.28
C VAL A 625 9.26 10.83 -13.65
N THR A 626 9.44 10.27 -12.45
CA THR A 626 10.65 10.49 -11.66
C THR A 626 11.90 10.04 -12.40
N ALA A 627 12.94 10.87 -12.35
CA ALA A 627 14.25 10.61 -12.97
C ALA A 627 14.12 10.40 -14.48
N ASN A 628 13.60 11.43 -15.14
CA ASN A 628 13.45 11.44 -16.59
C ASN A 628 14.27 12.61 -17.16
N ARG A 629 14.10 12.87 -18.45
CA ARG A 629 14.75 13.98 -19.14
C ARG A 629 13.76 15.07 -19.52
N ILE A 630 12.63 15.15 -18.84
CA ILE A 630 11.60 16.15 -19.15
C ILE A 630 12.05 17.50 -18.62
N GLU A 631 12.29 18.45 -19.53
CA GLU A 631 12.79 19.77 -19.15
C GLU A 631 11.67 20.73 -18.78
N ALA A 632 10.55 20.70 -19.51
CA ALA A 632 9.46 21.63 -19.27
C ALA A 632 8.13 20.89 -19.28
N LEU A 633 7.33 21.12 -18.25
CA LEU A 633 5.98 20.56 -18.21
C LEU A 633 5.05 21.40 -19.06
N PRO A 634 4.33 20.80 -20.01
CA PRO A 634 3.36 21.57 -20.79
C PRO A 634 2.20 22.01 -19.91
N PRO A 635 1.56 23.13 -20.24
CA PRO A 635 0.37 23.55 -19.48
C PRO A 635 -0.76 22.55 -19.54
N GLU A 636 -0.87 21.80 -20.65
CA GLU A 636 -1.93 20.80 -20.79
C GLU A 636 -1.83 19.69 -19.76
N LEU A 637 -0.65 19.48 -19.17
CA LEU A 637 -0.50 18.54 -18.07
C LEU A 637 -1.43 18.91 -16.92
N PHE A 638 -1.61 20.21 -16.68
CA PHE A 638 -2.50 20.68 -15.63
C PHE A 638 -3.95 20.75 -16.09
N GLN A 639 -4.23 20.37 -17.34
CA GLN A 639 -5.62 20.22 -17.76
C GLN A 639 -6.32 19.10 -16.99
N CYS A 640 -5.60 17.99 -16.77
CA CYS A 640 -6.13 16.90 -15.96
C CYS A 640 -6.16 17.34 -14.50
N ARG A 641 -7.35 17.51 -13.95
CA ARG A 641 -7.53 18.03 -12.60
C ARG A 641 -7.50 16.95 -11.53
N LYS A 642 -7.35 15.68 -11.91
CA LYS A 642 -7.36 14.59 -10.95
C LYS A 642 -5.98 14.16 -10.51
N LEU A 643 -4.93 14.90 -10.87
CA LEU A 643 -3.58 14.54 -10.45
C LEU A 643 -3.44 14.62 -8.93
N ARG A 644 -3.26 13.47 -8.29
CA ARG A 644 -3.16 13.35 -6.84
C ARG A 644 -1.73 13.35 -6.34
N ALA A 645 -0.80 12.72 -7.07
CA ALA A 645 0.60 12.62 -6.67
C ALA A 645 1.48 12.81 -7.90
N LEU A 646 1.93 14.04 -8.11
CA LEU A 646 2.78 14.37 -9.26
C LEU A 646 4.24 14.17 -8.84
N HIS A 647 4.78 12.99 -9.13
CA HIS A 647 6.16 12.65 -8.77
C HIS A 647 7.07 13.19 -9.86
N LEU A 648 7.52 14.43 -9.67
CA LEU A 648 8.39 15.10 -10.62
C LEU A 648 9.85 15.12 -10.17
N GLY A 649 10.19 14.34 -9.15
CA GLY A 649 11.52 14.41 -8.59
C GLY A 649 12.60 13.86 -9.53
N ASN A 650 13.82 14.31 -9.27
CA ASN A 650 15.04 13.87 -9.96
C ASN A 650 14.98 14.12 -11.47
N ASN A 651 14.12 15.02 -11.92
CA ASN A 651 14.00 15.37 -13.32
C ASN A 651 14.82 16.63 -13.60
N VAL A 652 14.66 17.18 -14.80
CA VAL A 652 15.39 18.39 -15.20
C VAL A 652 14.40 19.51 -15.43
N LEU A 653 13.31 19.52 -14.65
CA LEU A 653 12.29 20.55 -14.76
C LEU A 653 12.88 21.92 -14.41
N GLN A 654 12.92 22.81 -15.40
CA GLN A 654 13.49 24.14 -15.18
C GLN A 654 12.58 24.98 -14.30
N SER A 655 11.29 25.01 -14.60
CA SER A 655 10.34 25.80 -13.83
C SER A 655 8.97 25.13 -13.89
N LEU A 656 8.27 25.13 -12.75
CA LEU A 656 6.96 24.53 -12.68
C LEU A 656 5.91 25.60 -12.91
N PRO A 657 5.05 25.48 -13.92
CA PRO A 657 4.07 26.53 -14.21
C PRO A 657 3.04 26.71 -13.11
N SER A 658 2.48 27.92 -13.05
CA SER A 658 1.51 28.28 -12.02
C SER A 658 0.17 27.57 -12.16
N ARG A 659 -0.08 26.90 -13.29
CA ARG A 659 -1.35 26.21 -13.50
C ARG A 659 -1.59 25.08 -12.50
N VAL A 660 -0.55 24.65 -11.78
CA VAL A 660 -0.71 23.69 -10.69
C VAL A 660 -1.61 24.22 -9.59
N GLY A 661 -1.83 25.55 -9.54
CA GLY A 661 -2.79 26.10 -8.61
C GLY A 661 -4.22 25.73 -8.92
N GLU A 662 -4.50 25.32 -10.17
CA GLU A 662 -5.84 24.87 -10.50
C GLU A 662 -6.12 23.47 -9.97
N LEU A 663 -5.08 22.66 -9.78
CA LEU A 663 -5.27 21.29 -9.30
C LEU A 663 -5.69 21.30 -7.84
N THR A 664 -6.65 20.43 -7.51
CA THR A 664 -7.17 20.32 -6.15
C THR A 664 -6.89 18.97 -5.50
N ASN A 665 -6.89 17.89 -6.28
CA ASN A 665 -6.68 16.55 -5.74
C ASN A 665 -5.22 16.28 -5.37
N LEU A 666 -4.31 17.21 -5.67
CA LEU A 666 -2.89 16.99 -5.42
C LEU A 666 -2.63 16.91 -3.91
N THR A 667 -2.08 15.79 -3.47
CA THR A 667 -1.78 15.55 -2.07
C THR A 667 -0.29 15.47 -1.78
N GLN A 668 0.53 15.03 -2.73
CA GLN A 668 1.97 14.95 -2.54
C GLN A 668 2.67 15.18 -3.87
N ILE A 669 3.44 16.26 -3.94
CA ILE A 669 4.21 16.58 -5.14
C ILE A 669 5.69 16.56 -4.78
N GLU A 670 6.49 15.95 -5.65
CA GLU A 670 7.91 15.73 -5.41
C GLU A 670 8.70 16.57 -6.40
N LEU A 671 9.42 17.56 -5.88
CA LEU A 671 10.22 18.44 -6.72
C LEU A 671 11.70 18.50 -6.31
N ARG A 672 12.08 17.84 -5.22
CA ARG A 672 13.47 17.84 -4.79
C ARG A 672 14.32 17.03 -5.77
N GLY A 673 15.48 17.57 -6.13
CA GLY A 673 16.35 16.94 -7.09
C GLY A 673 16.18 17.41 -8.52
N ASN A 674 15.48 18.53 -8.72
CA ASN A 674 15.21 19.07 -10.05
C ASN A 674 16.07 20.30 -10.29
N ARG A 675 15.95 20.85 -11.50
CA ARG A 675 16.54 22.14 -11.86
C ARG A 675 15.61 23.30 -11.54
N LEU A 676 14.69 23.11 -10.59
CA LEU A 676 13.69 24.11 -10.29
C LEU A 676 14.33 25.36 -9.69
N GLU A 677 14.16 26.49 -10.38
CA GLU A 677 14.75 27.74 -9.91
C GLU A 677 14.08 28.25 -8.64
N CYS A 678 12.76 28.28 -8.64
CA CYS A 678 12.01 28.76 -7.47
C CYS A 678 10.62 28.16 -7.50
N LEU A 679 10.02 28.06 -6.32
CA LEU A 679 8.68 27.49 -6.19
C LEU A 679 7.65 28.59 -6.38
N PRO A 680 6.74 28.47 -7.35
CA PRO A 680 5.74 29.51 -7.56
C PRO A 680 4.72 29.56 -6.43
N VAL A 681 4.10 30.74 -6.28
CA VAL A 681 3.13 30.97 -5.21
C VAL A 681 1.90 30.10 -5.38
N GLU A 682 1.48 29.86 -6.63
CA GLU A 682 0.25 29.12 -6.89
C GLU A 682 0.30 27.69 -6.40
N LEU A 683 1.49 27.15 -6.13
CA LEU A 683 1.62 25.83 -5.53
C LEU A 683 0.93 25.77 -4.17
N GLY A 684 0.85 26.90 -3.46
CA GLY A 684 0.11 26.92 -2.20
C GLY A 684 -1.39 26.92 -2.36
N GLU A 685 -1.90 27.03 -3.58
CA GLU A 685 -3.35 27.05 -3.79
C GLU A 685 -3.99 25.68 -3.62
N CYS A 686 -3.21 24.61 -3.67
CA CYS A 686 -3.75 23.27 -3.49
C CYS A 686 -4.14 23.06 -2.04
N PRO A 687 -5.39 22.72 -1.73
CA PRO A 687 -5.82 22.61 -0.33
C PRO A 687 -5.20 21.45 0.42
N LEU A 688 -5.26 20.25 -0.16
CA LEU A 688 -4.84 19.04 0.53
C LEU A 688 -3.33 18.87 0.59
N LEU A 689 -2.56 19.71 -0.11
CA LEU A 689 -1.11 19.61 -0.06
C LEU A 689 -0.60 20.06 1.31
N LYS A 690 0.37 19.32 1.85
CA LYS A 690 0.99 19.61 3.13
C LYS A 690 2.50 19.44 2.99
N ARG A 691 3.22 19.74 4.09
CA ARG A 691 4.67 19.66 4.06
C ARG A 691 5.15 18.24 3.82
N SER A 692 4.50 17.26 4.45
CA SER A 692 4.83 15.86 4.16
C SER A 692 4.54 15.53 2.70
N GLY A 693 3.45 16.06 2.16
CA GLY A 693 3.18 15.90 0.74
C GLY A 693 4.14 16.70 -0.13
N LEU A 694 4.37 17.97 0.23
CA LEU A 694 5.27 18.84 -0.54
C LEU A 694 6.69 18.61 -0.07
N VAL A 695 7.31 17.57 -0.61
CA VAL A 695 8.71 17.30 -0.36
C VAL A 695 9.55 18.10 -1.35
N VAL A 696 10.44 18.95 -0.82
CA VAL A 696 11.21 19.87 -1.65
C VAL A 696 12.40 20.34 -0.81
N GLU A 697 13.42 20.84 -1.48
CA GLU A 697 14.58 21.39 -0.78
C GLU A 697 14.18 22.61 0.04
N GLU A 698 14.88 22.80 1.16
CA GLU A 698 14.49 23.83 2.12
C GLU A 698 14.61 25.22 1.53
N ASP A 699 15.67 25.48 0.75
CA ASP A 699 15.80 26.77 0.09
C ASP A 699 14.71 26.98 -0.96
N LEU A 700 14.30 25.91 -1.63
CA LEU A 700 13.17 25.99 -2.55
C LEU A 700 11.87 26.27 -1.79
N PHE A 701 11.72 25.70 -0.60
CA PHE A 701 10.57 26.03 0.24
C PHE A 701 10.59 27.48 0.68
N SER A 702 11.77 28.05 0.93
CA SER A 702 11.89 29.43 1.37
C SER A 702 11.48 30.44 0.30
N THR A 703 11.40 30.03 -0.97
CA THR A 703 11.01 30.96 -2.03
C THR A 703 9.52 31.32 -1.96
N LEU A 704 8.71 30.48 -1.34
CA LEU A 704 7.30 30.81 -1.18
C LEU A 704 7.12 31.95 -0.19
N PRO A 705 6.08 32.77 -0.35
CA PRO A 705 5.83 33.88 0.59
C PRO A 705 5.62 33.37 2.00
N PRO A 706 6.16 34.06 3.01
CA PRO A 706 5.95 33.65 4.40
C PRO A 706 4.49 33.56 4.82
N GLU A 707 3.57 34.23 4.12
CA GLU A 707 2.16 33.96 4.38
C GLU A 707 1.72 32.67 3.70
N VAL A 708 2.17 32.45 2.46
CA VAL A 708 1.91 31.16 1.81
C VAL A 708 2.70 30.06 2.50
N LYS A 709 3.93 30.36 2.91
CA LYS A 709 4.70 29.42 3.71
C LYS A 709 4.03 29.15 5.05
N GLU A 710 3.37 30.17 5.62
CA GLU A 710 2.60 29.96 6.83
C GLU A 710 1.40 29.05 6.57
N ARG A 711 0.75 29.20 5.42
CA ARG A 711 -0.36 28.33 5.05
C ARG A 711 0.12 26.88 4.92
N LEU A 712 1.27 26.67 4.29
CA LEU A 712 1.76 25.30 4.10
C LEU A 712 2.30 24.73 5.41
N TRP A 713 2.98 25.55 6.21
CA TRP A 713 3.43 25.11 7.53
C TRP A 713 2.25 24.80 8.43
N ARG A 714 1.14 25.52 8.26
CA ARG A 714 -0.08 25.25 9.00
C ARG A 714 -0.72 23.94 8.54
N ALA A 715 -0.70 23.69 7.23
CA ALA A 715 -1.14 22.39 6.71
C ALA A 715 -0.30 21.26 7.28
N ASP A 716 1.00 21.53 7.52
CA ASP A 716 1.80 20.60 8.30
C ASP A 716 1.30 20.49 9.73
N LYS A 717 0.93 21.63 10.34
CA LYS A 717 0.47 21.61 11.72
C LYS A 717 -0.99 21.16 11.81
N GLU A 718 -1.90 21.89 11.18
CA GLU A 718 -3.33 21.58 11.24
C GLU A 718 -3.65 20.37 10.36
N LEU B 312 -7.20 -33.32 46.42
CA LEU B 312 -6.25 -32.18 46.39
C LEU B 312 -6.24 -31.57 44.98
N ARG B 313 -6.21 -32.43 43.95
CA ARG B 313 -6.21 -31.93 42.55
C ARG B 313 -7.47 -31.09 42.32
N GLN B 314 -8.64 -31.60 42.74
CA GLN B 314 -9.91 -30.86 42.57
C GLN B 314 -9.87 -29.55 43.37
N LEU B 315 -9.31 -29.59 44.59
CA LEU B 315 -9.18 -28.36 45.42
C LEU B 315 -8.33 -27.33 44.66
N ASN B 316 -7.21 -27.77 44.10
CA ASN B 316 -6.31 -26.84 43.36
C ASN B 316 -7.06 -26.27 42.15
N LEU B 317 -7.79 -27.11 41.41
CA LEU B 317 -8.58 -26.63 40.24
C LEU B 317 -9.63 -25.63 40.70
N ASN B 318 -10.32 -25.93 41.81
CA ASN B 318 -11.38 -25.02 42.34
C ASN B 318 -10.74 -23.67 42.69
N ASN B 319 -9.56 -23.70 43.34
CA ASN B 319 -8.87 -22.44 43.72
C ASN B 319 -8.39 -21.72 42.45
N GLU B 320 -7.87 -22.46 41.48
CA GLU B 320 -7.36 -21.84 40.23
C GLU B 320 -8.50 -21.15 39.47
N TRP B 321 -9.60 -21.87 39.23
CA TRP B 321 -10.76 -21.31 38.49
C TRP B 321 -11.81 -20.82 39.49
N THR B 322 -11.65 -19.59 39.99
CA THR B 322 -12.62 -19.02 40.97
C THR B 322 -13.89 -18.56 40.23
N LEU B 323 -14.97 -18.30 40.98
CA LEU B 323 -16.27 -17.91 40.36
C LEU B 323 -16.08 -16.65 39.52
N ASP B 324 -15.32 -15.67 40.03
CA ASP B 324 -15.10 -14.39 39.31
C ASP B 324 -14.35 -14.66 38.00
N LYS B 325 -13.38 -15.57 38.01
CA LYS B 325 -12.59 -15.90 36.79
C LYS B 325 -13.54 -16.48 35.72
N LEU B 326 -14.50 -17.31 36.14
CA LEU B 326 -15.49 -17.89 35.19
C LEU B 326 -16.38 -16.78 34.64
N ARG B 327 -16.80 -15.84 35.50
CA ARG B 327 -17.62 -14.69 35.04
C ARG B 327 -16.84 -13.89 33.99
N GLN B 328 -15.52 -13.77 34.17
CA GLN B 328 -14.67 -13.07 33.17
C GLN B 328 -14.72 -13.84 31.84
N ARG B 329 -14.70 -15.17 31.89
CA ARG B 329 -14.67 -15.99 30.66
C ARG B 329 -16.09 -16.20 30.09
N LEU B 330 -17.12 -15.72 30.77
CA LEU B 330 -18.53 -15.92 30.31
C LEU B 330 -18.75 -15.20 28.98
N THR B 331 -18.94 -15.96 27.89
CA THR B 331 -19.19 -15.37 26.58
C THR B 331 -20.63 -15.70 26.16
N LYS B 332 -20.96 -15.37 24.92
CA LYS B 332 -22.26 -15.72 24.35
C LYS B 332 -22.06 -16.31 22.96
N ASN B 333 -22.91 -17.27 22.61
CA ASN B 333 -22.79 -18.01 21.35
C ASN B 333 -23.68 -17.37 20.28
N ALA B 334 -23.83 -18.08 19.16
CA ALA B 334 -24.66 -17.58 18.06
C ALA B 334 -26.14 -17.61 18.42
N GLN B 335 -26.53 -18.45 19.38
CA GLN B 335 -27.91 -18.53 19.83
C GLN B 335 -28.22 -17.55 20.96
N ASP B 336 -27.30 -16.61 21.24
CA ASP B 336 -27.44 -15.61 22.31
C ASP B 336 -27.67 -16.28 23.66
N LYS B 337 -26.99 -17.40 23.89
CA LYS B 337 -27.04 -18.12 25.15
C LYS B 337 -25.68 -18.01 25.84
N LEU B 338 -25.70 -18.10 27.16
CA LEU B 338 -24.49 -17.91 27.96
C LEU B 338 -23.59 -19.13 27.81
N GLU B 339 -22.39 -18.93 27.26
CA GLU B 339 -21.42 -19.97 26.99
C GLU B 339 -20.22 -19.81 27.92
N LEU B 340 -19.59 -20.94 28.24
CA LEU B 340 -18.39 -20.96 29.08
C LEU B 340 -17.41 -21.97 28.52
N HIS B 341 -16.50 -21.51 27.68
CA HIS B 341 -15.53 -22.33 26.97
C HIS B 341 -14.48 -22.85 27.96
N LEU B 342 -14.67 -24.10 28.40
CA LEU B 342 -13.69 -24.77 29.25
C LEU B 342 -12.87 -25.73 28.38
N PHE B 343 -11.60 -25.40 28.18
CA PHE B 343 -10.73 -26.16 27.29
C PHE B 343 -9.44 -26.56 28.01
N MET B 344 -9.05 -27.84 27.85
CA MET B 344 -7.78 -28.38 28.33
C MET B 344 -7.60 -28.18 29.83
N LEU B 345 -8.51 -28.79 30.59
CA LEU B 345 -8.43 -28.83 32.05
C LEU B 345 -8.26 -30.27 32.47
N SER B 346 -7.40 -30.51 33.46
CA SER B 346 -7.22 -31.86 33.97
C SER B 346 -8.50 -32.38 34.62
N GLY B 347 -9.26 -31.49 35.25
CA GLY B 347 -10.52 -31.87 35.87
C GLY B 347 -11.57 -30.80 35.67
N ILE B 348 -12.82 -31.18 35.90
CA ILE B 348 -13.92 -30.23 35.87
C ILE B 348 -13.92 -29.42 37.18
N PRO B 349 -14.25 -28.13 37.12
CA PRO B 349 -14.38 -27.36 38.36
C PRO B 349 -15.73 -27.56 39.01
N ASP B 350 -15.82 -27.13 40.28
CA ASP B 350 -17.08 -27.11 41.00
C ASP B 350 -17.71 -25.72 41.04
N THR B 351 -16.89 -24.67 41.02
CA THR B 351 -17.43 -23.31 40.94
C THR B 351 -18.14 -23.07 39.62
N VAL B 352 -17.71 -23.73 38.54
CA VAL B 352 -18.40 -23.62 37.26
C VAL B 352 -19.79 -24.24 37.33
N PHE B 353 -20.00 -25.24 38.19
CA PHE B 353 -21.35 -25.69 38.46
C PHE B 353 -22.04 -24.89 39.55
N ASP B 354 -21.30 -24.09 40.31
CA ASP B 354 -21.94 -23.23 41.31
C ASP B 354 -22.71 -22.09 40.66
N LEU B 355 -22.21 -21.57 39.54
CA LEU B 355 -22.83 -20.44 38.86
C LEU B 355 -24.13 -20.88 38.21
N VAL B 356 -25.26 -20.38 38.71
CA VAL B 356 -26.56 -20.74 38.17
C VAL B 356 -26.89 -20.01 36.87
N GLU B 357 -26.12 -18.99 36.51
CA GLU B 357 -26.40 -18.24 35.29
C GLU B 357 -26.08 -19.04 34.04
N LEU B 358 -25.24 -20.07 34.14
CA LEU B 358 -24.74 -20.78 32.97
C LEU B 358 -25.85 -21.50 32.23
N GLU B 359 -25.82 -21.39 30.90
CA GLU B 359 -26.82 -22.03 30.04
C GLU B 359 -26.21 -23.05 29.08
N VAL B 360 -25.01 -22.80 28.58
CA VAL B 360 -24.32 -23.71 27.67
C VAL B 360 -23.02 -24.12 28.34
N LEU B 361 -23.00 -25.32 28.91
CA LEU B 361 -21.81 -25.84 29.57
C LEU B 361 -20.93 -26.46 28.49
N LYS B 362 -19.80 -25.84 28.22
CA LYS B 362 -18.88 -26.26 27.17
C LYS B 362 -17.75 -27.08 27.77
N LEU B 363 -17.54 -28.28 27.26
CA LEU B 363 -16.48 -29.18 27.71
C LEU B 363 -15.70 -29.66 26.48
N GLU B 364 -14.67 -28.92 26.10
CA GLU B 364 -13.87 -29.23 24.92
C GLU B 364 -12.53 -29.83 25.36
N LEU B 365 -12.32 -31.11 25.01
CA LEU B 365 -11.05 -31.81 25.22
C LEU B 365 -10.61 -31.76 26.68
N ILE B 366 -11.55 -32.07 27.57
CA ILE B 366 -11.26 -32.14 29.00
C ILE B 366 -11.31 -33.61 29.41
N PRO B 367 -10.17 -34.22 29.74
CA PRO B 367 -10.15 -35.64 30.09
C PRO B 367 -10.47 -35.89 31.55
N ASP B 368 -10.78 -37.15 31.85
CA ASP B 368 -11.11 -37.63 33.18
C ASP B 368 -12.27 -36.83 33.77
N VAL B 369 -13.40 -36.86 33.06
CA VAL B 369 -14.58 -36.09 33.43
C VAL B 369 -15.50 -36.98 34.25
N THR B 370 -15.85 -36.52 35.45
CA THR B 370 -16.81 -37.22 36.33
C THR B 370 -17.65 -36.13 36.98
N ILE B 371 -18.85 -35.92 36.44
CA ILE B 371 -19.72 -34.83 36.84
C ILE B 371 -20.47 -35.15 38.14
N PRO B 372 -20.23 -34.39 39.21
CA PRO B 372 -20.93 -34.62 40.47
C PRO B 372 -22.35 -34.08 40.40
N PRO B 373 -23.20 -34.37 41.39
CA PRO B 373 -24.58 -33.85 41.32
C PRO B 373 -24.69 -32.34 41.54
N SER B 374 -23.57 -31.63 41.69
CA SER B 374 -23.63 -30.17 41.74
C SER B 374 -23.96 -29.57 40.38
N ILE B 375 -23.97 -30.36 39.31
CA ILE B 375 -24.54 -29.92 38.04
C ILE B 375 -26.04 -29.72 38.17
N ALA B 376 -26.67 -30.30 39.19
CA ALA B 376 -28.05 -29.96 39.52
C ALA B 376 -28.19 -28.52 40.00
N GLN B 377 -27.09 -27.88 40.40
CA GLN B 377 -27.13 -26.48 40.77
C GLN B 377 -27.38 -25.58 39.56
N LEU B 378 -27.06 -26.05 38.37
CA LEU B 378 -27.28 -25.27 37.16
C LEU B 378 -28.77 -25.11 36.89
N THR B 379 -29.19 -23.89 36.55
CA THR B 379 -30.59 -23.59 36.27
C THR B 379 -30.91 -23.54 34.79
N GLY B 380 -30.16 -22.76 34.03
CA GLY B 380 -30.39 -22.61 32.60
C GLY B 380 -29.76 -23.65 31.72
N LEU B 381 -29.29 -24.76 32.29
CA LEU B 381 -28.56 -25.77 31.55
C LEU B 381 -29.50 -26.47 30.58
N LYS B 382 -29.41 -26.08 29.30
CA LYS B 382 -30.10 -26.76 28.22
C LYS B 382 -29.15 -27.19 27.12
N GLU B 383 -27.89 -26.83 27.19
CA GLU B 383 -26.88 -27.16 26.20
C GLU B 383 -25.66 -27.75 26.89
N LEU B 384 -25.14 -28.84 26.33
CA LEU B 384 -23.94 -29.50 26.85
C LEU B 384 -23.02 -29.75 25.67
N TRP B 385 -22.14 -28.79 25.40
CA TRP B 385 -21.14 -28.98 24.30
C TRP B 385 -19.98 -29.82 24.85
N LEU B 386 -20.17 -31.14 25.01
CA LEU B 386 -19.03 -31.99 25.46
C LEU B 386 -18.25 -32.46 24.22
N TYR B 387 -17.09 -31.87 23.98
CA TYR B 387 -16.24 -32.23 22.81
C TYR B 387 -15.07 -33.08 23.28
N HIS B 388 -14.80 -34.19 22.59
CA HIS B 388 -13.73 -35.12 22.96
C HIS B 388 -13.72 -35.39 24.46
N THR B 389 -14.92 -35.54 25.02
CA THR B 389 -15.10 -35.65 26.46
C THR B 389 -15.80 -36.96 26.79
N ALA B 390 -15.20 -37.74 27.69
CA ALA B 390 -15.81 -38.96 28.21
C ALA B 390 -16.49 -38.59 29.52
N ALA B 391 -17.82 -38.42 29.47
CA ALA B 391 -18.57 -37.90 30.60
C ALA B 391 -19.12 -39.04 31.46
N LYS B 392 -18.87 -38.97 32.76
CA LYS B 392 -19.43 -39.90 33.74
C LYS B 392 -20.35 -39.12 34.67
N ILE B 393 -21.61 -39.55 34.76
CA ILE B 393 -22.64 -38.83 35.48
C ILE B 393 -23.36 -39.79 36.40
N GLU B 394 -23.50 -39.40 37.67
CA GLU B 394 -24.21 -40.25 38.62
C GLU B 394 -25.71 -40.23 38.37
N ALA B 395 -26.41 -41.16 39.01
CA ALA B 395 -27.85 -41.31 38.81
C ALA B 395 -28.67 -40.08 39.19
N PRO B 396 -28.45 -39.41 40.35
CA PRO B 396 -29.23 -38.18 40.59
C PRO B 396 -28.96 -37.07 39.59
N ALA B 397 -27.69 -36.88 39.20
CA ALA B 397 -27.38 -35.88 38.19
C ALA B 397 -27.93 -36.29 36.82
N LEU B 398 -27.94 -37.60 36.53
CA LEU B 398 -28.55 -38.07 35.28
C LEU B 398 -30.04 -37.80 35.28
N ALA B 399 -30.71 -38.01 36.41
CA ALA B 399 -32.14 -37.70 36.50
C ALA B 399 -32.40 -36.20 36.40
N PHE B 400 -31.48 -35.38 36.92
CA PHE B 400 -31.61 -33.94 36.74
C PHE B 400 -31.45 -33.56 35.27
N LEU B 401 -30.53 -34.23 34.57
CA LEU B 401 -30.39 -34.03 33.13
C LEU B 401 -31.65 -34.46 32.39
N ARG B 402 -32.32 -35.50 32.89
CA ARG B 402 -33.59 -35.98 32.32
C ARG B 402 -34.75 -35.00 32.50
N GLU B 403 -34.57 -33.79 33.03
CA GLU B 403 -35.65 -32.81 33.08
C GLU B 403 -35.23 -31.40 32.72
N ASN B 404 -33.96 -31.15 32.47
CA ASN B 404 -33.48 -29.80 32.14
C ASN B 404 -32.67 -29.76 30.86
N LEU B 405 -31.89 -30.80 30.57
CA LEU B 405 -31.03 -30.82 29.39
C LEU B 405 -31.87 -30.95 28.13
N ARG B 406 -31.56 -30.14 27.12
CA ARG B 406 -32.38 -30.09 25.92
C ARG B 406 -31.54 -30.28 24.65
N ALA B 407 -30.33 -29.72 24.62
CA ALA B 407 -29.48 -29.78 23.45
C ALA B 407 -28.11 -30.33 23.86
N LEU B 408 -27.51 -31.13 22.98
CA LEU B 408 -26.33 -31.91 23.34
C LEU B 408 -25.51 -32.15 22.08
N HIS B 409 -24.31 -31.55 22.03
CA HIS B 409 -23.39 -31.71 20.90
C HIS B 409 -22.26 -32.64 21.29
N ILE B 410 -21.94 -33.60 20.43
CA ILE B 410 -20.87 -34.56 20.68
C ILE B 410 -19.82 -34.42 19.58
N LYS B 411 -18.57 -34.23 19.99
CA LYS B 411 -17.40 -34.40 19.12
C LYS B 411 -16.63 -35.61 19.60
N PHE B 412 -16.42 -36.57 18.71
CA PHE B 412 -15.84 -37.84 19.12
C PHE B 412 -14.89 -38.35 18.05
N THR B 413 -13.93 -39.16 18.50
CA THR B 413 -13.10 -39.98 17.63
C THR B 413 -13.61 -41.40 17.75
N ASP B 414 -14.40 -41.83 16.75
CA ASP B 414 -15.19 -43.06 16.72
C ASP B 414 -15.80 -43.41 18.08
N ILE B 415 -15.70 -44.67 18.49
CA ILE B 415 -16.37 -45.13 19.70
C ILE B 415 -15.67 -44.62 20.96
N LYS B 416 -14.44 -44.13 20.83
CA LYS B 416 -13.62 -43.78 22.00
C LYS B 416 -14.25 -42.67 22.83
N GLU B 417 -14.78 -41.64 22.17
CA GLU B 417 -15.27 -40.45 22.86
C GLU B 417 -16.79 -40.27 22.74
N ILE B 418 -17.54 -41.35 22.67
CA ILE B 418 -18.99 -41.30 22.59
C ILE B 418 -19.56 -41.61 23.98
N PRO B 419 -20.33 -40.71 24.58
CA PRO B 419 -20.93 -41.01 25.89
C PRO B 419 -22.01 -42.07 25.76
N LEU B 420 -22.25 -42.77 26.88
CA LEU B 420 -23.21 -43.87 26.90
C LEU B 420 -24.50 -43.54 27.64
N TRP B 421 -24.55 -42.46 28.41
CA TRP B 421 -25.73 -42.10 29.18
C TRP B 421 -26.76 -41.35 28.37
N ILE B 422 -26.46 -41.02 27.11
CA ILE B 422 -27.37 -40.20 26.32
C ILE B 422 -28.61 -40.95 25.89
N TYR B 423 -28.59 -42.28 25.89
CA TYR B 423 -29.75 -43.04 25.45
C TYR B 423 -30.87 -43.02 26.48
N SER B 424 -30.51 -43.01 27.77
CA SER B 424 -31.52 -42.93 28.82
C SER B 424 -32.19 -41.56 28.85
N LEU B 425 -31.54 -40.54 28.30
CA LEU B 425 -32.14 -39.21 28.18
C LEU B 425 -33.29 -39.28 27.20
N LYS B 426 -34.50 -38.98 27.68
CA LYS B 426 -35.70 -39.07 26.86
C LYS B 426 -36.46 -37.74 26.77
N THR B 427 -35.93 -36.66 27.36
CA THR B 427 -36.62 -35.39 27.40
C THR B 427 -35.88 -34.27 26.68
N LEU B 428 -34.71 -34.52 26.12
CA LEU B 428 -34.01 -33.50 25.35
C LEU B 428 -34.72 -33.29 24.01
N GLU B 429 -34.43 -32.15 23.38
CA GLU B 429 -35.08 -31.78 22.13
C GLU B 429 -34.13 -31.54 20.96
N GLU B 430 -32.84 -31.31 21.22
CA GLU B 430 -31.87 -31.09 20.16
C GLU B 430 -30.63 -31.94 20.42
N LEU B 431 -29.93 -32.29 19.34
CA LEU B 431 -28.73 -33.11 19.45
C LEU B 431 -27.90 -32.92 18.19
N HIS B 432 -26.58 -32.91 18.35
CA HIS B 432 -25.64 -32.81 17.25
C HIS B 432 -24.62 -33.93 17.33
N LEU B 433 -24.11 -34.34 16.17
CA LEU B 433 -23.09 -35.39 16.09
C LEU B 433 -22.05 -35.00 15.06
N THR B 434 -20.80 -35.40 15.32
CA THR B 434 -19.70 -35.14 14.41
C THR B 434 -18.61 -36.18 14.66
N GLY B 435 -18.18 -36.86 13.60
CA GLY B 435 -17.18 -37.90 13.71
C GLY B 435 -17.47 -39.05 12.77
N ASN B 436 -16.42 -39.60 12.14
CA ASN B 436 -16.60 -40.63 11.13
C ASN B 436 -17.24 -41.87 11.72
N LEU B 437 -18.24 -42.40 11.00
CA LEU B 437 -19.04 -43.52 11.48
C LEU B 437 -18.95 -44.77 10.60
N SER B 438 -18.60 -44.63 9.33
CA SER B 438 -18.59 -45.75 8.39
C SER B 438 -17.25 -46.48 8.48
N ALA B 439 -17.07 -47.19 9.58
CA ALA B 439 -15.87 -47.98 9.80
C ALA B 439 -16.06 -49.39 9.25
N GLU B 440 -14.94 -50.11 9.14
CA GLU B 440 -14.97 -51.48 8.64
C GLU B 440 -15.61 -52.39 9.68
N ASN B 441 -16.54 -53.23 9.23
CA ASN B 441 -17.32 -54.17 10.04
C ASN B 441 -18.23 -53.47 11.05
N ASN B 442 -18.30 -52.14 11.02
CA ASN B 442 -19.13 -51.36 11.94
C ASN B 442 -19.87 -50.26 11.17
N ARG B 443 -20.50 -50.66 10.07
CA ARG B 443 -21.16 -49.70 9.17
C ARG B 443 -22.41 -49.15 9.86
N TYR B 444 -22.27 -47.96 10.45
CA TYR B 444 -23.35 -47.25 11.14
C TYR B 444 -23.98 -48.10 12.23
N ILE B 445 -23.16 -48.85 12.96
CA ILE B 445 -23.64 -49.71 14.03
C ILE B 445 -23.52 -49.06 15.41
N VAL B 446 -22.77 -47.97 15.52
CA VAL B 446 -22.57 -47.33 16.82
C VAL B 446 -23.68 -46.34 17.18
N ILE B 447 -24.52 -45.96 16.23
CA ILE B 447 -25.59 -45.00 16.46
C ILE B 447 -26.95 -45.69 16.59
N ASP B 448 -26.97 -46.97 16.96
CA ASP B 448 -28.20 -47.75 16.98
C ASP B 448 -29.00 -47.58 18.27
N GLY B 449 -28.49 -46.83 19.25
CA GLY B 449 -29.15 -46.73 20.54
C GLY B 449 -29.97 -45.48 20.76
N LEU B 450 -30.24 -44.73 19.69
CA LEU B 450 -30.94 -43.45 19.79
C LEU B 450 -32.45 -43.59 19.57
N ARG B 451 -33.02 -44.71 19.98
CA ARG B 451 -34.45 -44.96 19.77
C ARG B 451 -35.31 -44.52 20.95
N GLU B 452 -34.75 -44.49 22.16
CA GLU B 452 -35.52 -44.08 23.33
C GLU B 452 -35.81 -42.58 23.33
N LEU B 453 -35.10 -41.81 22.53
CA LEU B 453 -35.27 -40.35 22.49
C LEU B 453 -36.54 -40.03 21.70
N LYS B 454 -37.59 -39.63 22.40
CA LYS B 454 -38.86 -39.31 21.77
C LYS B 454 -39.10 -37.81 21.61
N ARG B 455 -38.61 -36.99 22.54
CA ARG B 455 -38.80 -35.55 22.46
C ARG B 455 -37.76 -34.86 21.60
N LEU B 456 -36.83 -35.62 21.01
CA LEU B 456 -35.82 -35.04 20.12
C LEU B 456 -36.48 -34.43 18.90
N LYS B 457 -36.02 -33.23 18.52
CA LYS B 457 -36.63 -32.52 17.41
C LYS B 457 -35.60 -32.09 16.37
N VAL B 458 -34.39 -31.79 16.81
CA VAL B 458 -33.33 -31.26 15.94
C VAL B 458 -32.15 -32.21 16.00
N LEU B 459 -31.73 -32.71 14.84
CA LEU B 459 -30.55 -33.56 14.73
C LEU B 459 -29.72 -33.07 13.55
N ARG B 460 -28.47 -32.70 13.81
CA ARG B 460 -27.55 -32.23 12.78
C ARG B 460 -26.32 -33.13 12.77
N LEU B 461 -25.88 -33.52 11.58
CA LEU B 461 -24.81 -34.50 11.42
C LEU B 461 -23.75 -33.97 10.46
N LYS B 462 -22.49 -34.14 10.84
CA LYS B 462 -21.34 -33.88 9.96
C LYS B 462 -20.37 -35.04 10.20
N SER B 463 -20.54 -36.12 9.43
CA SER B 463 -19.82 -37.36 9.70
C SER B 463 -19.39 -38.04 8.41
N ASN B 464 -19.00 -37.24 7.40
CA ASN B 464 -18.42 -37.62 6.10
C ASN B 464 -18.93 -38.95 5.55
N LEU B 465 -20.26 -39.12 5.56
CA LEU B 465 -20.87 -40.41 5.27
C LEU B 465 -20.68 -40.78 3.81
N SER B 466 -20.06 -41.94 3.57
CA SER B 466 -19.94 -42.46 2.21
C SER B 466 -21.27 -42.97 1.69
N LYS B 467 -22.12 -43.50 2.57
CA LYS B 467 -23.45 -43.95 2.21
C LYS B 467 -24.45 -43.43 3.24
N LEU B 468 -25.70 -43.33 2.82
CA LEU B 468 -26.74 -42.89 3.74
C LEU B 468 -27.06 -44.00 4.73
N PRO B 469 -26.95 -43.74 6.04
CA PRO B 469 -27.20 -44.81 7.02
C PRO B 469 -28.69 -45.17 7.08
N GLN B 470 -28.97 -46.47 7.05
CA GLN B 470 -30.34 -46.95 7.24
C GLN B 470 -30.85 -46.66 8.64
N VAL B 471 -29.95 -46.67 9.63
CA VAL B 471 -30.32 -46.33 11.00
C VAL B 471 -30.79 -44.88 11.08
N VAL B 472 -30.18 -43.99 10.30
CA VAL B 472 -30.64 -42.60 10.25
C VAL B 472 -32.06 -42.53 9.71
N THR B 473 -32.35 -43.28 8.65
CA THR B 473 -33.69 -43.29 8.07
C THR B 473 -34.72 -43.84 9.06
N ASP B 474 -34.34 -44.86 9.85
CA ASP B 474 -35.25 -45.37 10.85
C ASP B 474 -35.44 -44.39 12.00
N VAL B 475 -34.37 -43.69 12.39
CA VAL B 475 -34.44 -42.78 13.54
C VAL B 475 -35.26 -41.54 13.21
N GLY B 476 -35.10 -41.00 12.00
CA GLY B 476 -35.61 -39.67 11.70
C GLY B 476 -37.12 -39.47 11.65
N VAL B 477 -37.90 -40.41 12.18
CA VAL B 477 -39.35 -40.29 12.14
C VAL B 477 -39.83 -39.06 12.89
N HIS B 478 -39.23 -38.78 14.05
CA HIS B 478 -39.64 -37.66 14.89
C HIS B 478 -38.73 -36.45 14.72
N LEU B 479 -38.26 -36.19 13.50
CA LEU B 479 -37.27 -35.15 13.24
C LEU B 479 -37.90 -33.97 12.51
N GLN B 480 -37.42 -32.77 12.83
CA GLN B 480 -37.86 -31.53 12.18
C GLN B 480 -36.79 -30.89 11.33
N LYS B 481 -35.59 -30.68 11.88
CA LYS B 481 -34.46 -30.10 11.15
C LYS B 481 -33.35 -31.13 11.06
N LEU B 482 -32.85 -31.35 9.84
CA LEU B 482 -31.75 -32.28 9.62
C LEU B 482 -30.80 -31.71 8.59
N SER B 483 -29.53 -31.57 8.96
CA SER B 483 -28.48 -31.09 8.07
C SER B 483 -27.42 -32.18 7.94
N ILE B 484 -27.05 -32.49 6.70
CA ILE B 484 -26.07 -33.53 6.40
C ILE B 484 -24.88 -32.88 5.74
N ASN B 485 -23.69 -33.06 6.32
CA ASN B 485 -22.44 -32.58 5.76
C ASN B 485 -21.52 -33.77 5.54
N ASN B 486 -21.06 -33.95 4.30
CA ASN B 486 -20.19 -35.07 3.96
C ASN B 486 -18.76 -34.63 3.66
N GLU B 487 -18.49 -33.32 3.64
CA GLU B 487 -17.19 -32.69 3.36
C GLU B 487 -16.44 -33.40 2.22
N GLY B 488 -17.09 -33.46 1.06
CA GLY B 488 -16.47 -34.01 -0.12
C GLY B 488 -16.64 -35.50 -0.27
N THR B 489 -17.84 -36.00 0.01
CA THR B 489 -18.15 -37.42 -0.10
C THR B 489 -19.51 -37.59 -0.76
N LYS B 490 -19.65 -38.65 -1.55
CA LYS B 490 -20.90 -38.95 -2.23
C LYS B 490 -21.97 -39.34 -1.21
N LEU B 491 -23.17 -38.82 -1.38
CA LEU B 491 -24.31 -39.21 -0.57
C LEU B 491 -25.27 -40.03 -1.42
N ILE B 492 -25.40 -41.31 -1.10
CA ILE B 492 -26.26 -42.23 -1.86
C ILE B 492 -27.60 -42.25 -1.16
N VAL B 493 -28.48 -41.31 -1.52
CA VAL B 493 -29.83 -41.30 -0.99
C VAL B 493 -30.62 -42.49 -1.51
N LEU B 494 -30.53 -42.74 -2.83
CA LEU B 494 -31.14 -43.89 -3.50
C LEU B 494 -32.65 -43.94 -3.26
N ASN B 495 -33.29 -42.77 -3.26
CA ASN B 495 -34.74 -42.62 -3.09
C ASN B 495 -35.24 -43.22 -1.78
N SER B 496 -34.40 -43.19 -0.74
CA SER B 496 -34.78 -43.68 0.57
C SER B 496 -35.29 -42.58 1.50
N LEU B 497 -35.33 -41.34 1.03
CA LEU B 497 -35.83 -40.22 1.82
C LEU B 497 -37.33 -40.05 1.69
N LYS B 498 -38.01 -40.92 0.95
CA LYS B 498 -39.46 -40.85 0.83
C LYS B 498 -40.14 -41.11 2.17
N LYS B 499 -39.50 -41.90 3.04
CA LYS B 499 -40.04 -42.10 4.38
C LYS B 499 -39.89 -40.84 5.24
N MET B 500 -38.98 -39.95 4.86
CA MET B 500 -38.65 -38.79 5.69
C MET B 500 -39.66 -37.66 5.43
N VAL B 501 -40.93 -37.97 5.71
CA VAL B 501 -42.01 -37.06 5.35
C VAL B 501 -42.07 -35.86 6.29
N ASN B 502 -41.56 -36.01 7.52
CA ASN B 502 -41.68 -34.98 8.53
C ASN B 502 -40.61 -33.89 8.43
N LEU B 503 -39.72 -33.96 7.45
CA LEU B 503 -38.61 -33.04 7.38
C LEU B 503 -39.07 -31.69 6.83
N THR B 504 -38.73 -30.61 7.55
CA THR B 504 -39.08 -29.26 7.13
C THR B 504 -37.89 -28.45 6.64
N GLU B 505 -36.67 -28.82 7.03
CA GLU B 505 -35.45 -28.21 6.50
C GLU B 505 -34.46 -29.34 6.18
N LEU B 506 -34.05 -29.44 4.92
CA LEU B 506 -33.07 -30.42 4.48
C LEU B 506 -31.84 -29.69 3.96
N GLU B 507 -30.75 -29.77 4.70
CA GLU B 507 -29.48 -29.16 4.29
C GLU B 507 -28.54 -30.27 3.83
N LEU B 508 -27.99 -30.10 2.62
CA LEU B 508 -26.99 -31.01 2.06
C LEU B 508 -25.78 -30.16 1.69
N ILE B 509 -24.87 -29.97 2.64
CA ILE B 509 -23.70 -29.12 2.47
C ILE B 509 -22.53 -29.98 2.00
N ARG B 510 -21.97 -29.62 0.85
CA ARG B 510 -20.84 -30.32 0.23
C ARG B 510 -21.12 -31.81 0.06
N CYS B 511 -22.31 -32.13 -0.43
CA CYS B 511 -22.62 -33.51 -0.77
C CYS B 511 -22.10 -33.92 -2.14
N ASP B 512 -21.53 -32.96 -2.89
CA ASP B 512 -21.00 -33.13 -4.26
C ASP B 512 -21.87 -34.04 -5.11
N LEU B 513 -23.17 -33.75 -5.08
CA LEU B 513 -24.16 -34.64 -5.69
C LEU B 513 -24.03 -34.65 -7.21
N GLU B 514 -23.95 -33.46 -7.82
CA GLU B 514 -24.01 -33.24 -9.27
C GLU B 514 -25.31 -33.76 -9.89
N ARG B 515 -26.29 -34.10 -9.06
CA ARG B 515 -27.61 -34.54 -9.50
C ARG B 515 -28.53 -34.43 -8.29
N ILE B 516 -29.76 -33.97 -8.51
CA ILE B 516 -30.70 -33.84 -7.41
C ILE B 516 -31.42 -35.17 -7.24
N PRO B 517 -31.35 -35.80 -6.06
CA PRO B 517 -32.02 -37.09 -5.87
C PRO B 517 -33.53 -36.96 -5.96
N HIS B 518 -34.16 -38.00 -6.52
CA HIS B 518 -35.59 -37.95 -6.81
C HIS B 518 -36.44 -38.06 -5.55
N SER B 519 -35.85 -38.37 -4.40
CA SER B 519 -36.61 -38.45 -3.16
C SER B 519 -36.95 -37.09 -2.59
N ILE B 520 -36.25 -36.03 -3.04
CA ILE B 520 -36.55 -34.69 -2.55
C ILE B 520 -37.93 -34.24 -3.02
N PHE B 521 -38.33 -34.64 -4.23
CA PHE B 521 -39.62 -34.27 -4.81
C PHE B 521 -40.81 -34.96 -4.13
N SER B 522 -40.65 -35.67 -3.02
CA SER B 522 -41.76 -36.37 -2.38
C SER B 522 -42.18 -35.76 -1.05
N LEU B 523 -41.43 -34.79 -0.53
CA LEU B 523 -41.68 -34.25 0.81
C LEU B 523 -42.37 -32.90 0.69
N HIS B 524 -43.56 -32.79 1.29
CA HIS B 524 -44.37 -31.59 1.22
C HIS B 524 -44.25 -30.72 2.46
N ASN B 525 -43.26 -30.98 3.32
CA ASN B 525 -43.02 -30.16 4.49
C ASN B 525 -41.76 -29.31 4.39
N LEU B 526 -40.91 -29.55 3.38
CA LEU B 526 -39.64 -28.86 3.27
C LEU B 526 -39.85 -27.42 2.81
N GLN B 527 -39.48 -26.47 3.67
CA GLN B 527 -39.47 -25.06 3.28
C GLN B 527 -38.07 -24.57 2.88
N GLU B 528 -37.02 -25.23 3.36
CA GLU B 528 -35.65 -24.84 3.07
C GLU B 528 -34.91 -26.03 2.47
N ILE B 529 -34.42 -25.87 1.24
CA ILE B 529 -33.61 -26.86 0.57
C ILE B 529 -32.22 -26.25 0.37
N ASP B 530 -31.20 -26.92 0.91
CA ASP B 530 -29.83 -26.40 0.90
C ASP B 530 -28.93 -27.41 0.22
N LEU B 531 -28.35 -27.01 -0.92
CA LEU B 531 -27.40 -27.82 -1.67
C LEU B 531 -26.11 -27.03 -1.91
N LYS B 532 -25.59 -26.43 -0.84
CA LYS B 532 -24.40 -25.60 -0.94
C LYS B 532 -23.16 -26.45 -1.23
N ASP B 533 -22.33 -25.95 -2.16
CA ASP B 533 -21.06 -26.58 -2.52
C ASP B 533 -21.25 -28.01 -3.03
N ASN B 534 -22.32 -28.22 -3.79
CA ASN B 534 -22.60 -29.51 -4.39
C ASN B 534 -22.01 -29.66 -5.79
N ASN B 535 -21.28 -28.64 -6.26
CA ASN B 535 -20.65 -28.63 -7.58
C ASN B 535 -21.66 -28.87 -8.69
N LEU B 536 -22.84 -28.27 -8.55
CA LEU B 536 -23.87 -28.38 -9.58
C LEU B 536 -23.55 -27.48 -10.75
N LYS B 537 -23.54 -28.04 -11.96
CA LYS B 537 -23.26 -27.30 -13.18
C LYS B 537 -24.51 -27.03 -14.00
N THR B 538 -25.32 -28.06 -14.24
CA THR B 538 -26.56 -27.95 -15.02
C THR B 538 -27.70 -28.45 -14.14
N ILE B 539 -28.56 -27.53 -13.71
CA ILE B 539 -29.72 -27.88 -12.90
C ILE B 539 -30.88 -28.25 -13.80
N GLU B 540 -30.94 -29.52 -14.20
CA GLU B 540 -32.02 -30.02 -15.04
C GLU B 540 -33.03 -30.85 -14.25
N GLU B 541 -32.97 -30.79 -12.93
CA GLU B 541 -33.91 -31.51 -12.07
C GLU B 541 -34.93 -30.59 -11.42
N ILE B 542 -34.87 -29.28 -11.68
CA ILE B 542 -35.85 -28.37 -11.12
C ILE B 542 -37.20 -28.50 -11.81
N ILE B 543 -37.23 -29.13 -12.99
CA ILE B 543 -38.51 -29.41 -13.64
C ILE B 543 -39.32 -30.40 -12.81
N SER B 544 -38.66 -31.36 -12.18
CA SER B 544 -39.32 -32.29 -11.27
C SER B 544 -39.62 -31.68 -9.91
N PHE B 545 -39.07 -30.50 -9.62
CA PHE B 545 -39.42 -29.78 -8.40
C PHE B 545 -40.79 -29.13 -8.47
N GLN B 546 -41.44 -29.14 -9.64
CA GLN B 546 -42.74 -28.50 -9.79
C GLN B 546 -43.83 -29.22 -9.00
N HIS B 547 -43.62 -30.51 -8.68
CA HIS B 547 -44.59 -31.25 -7.89
C HIS B 547 -44.67 -30.71 -6.46
N LEU B 548 -43.56 -30.25 -5.91
CA LEU B 548 -43.55 -29.70 -4.56
C LEU B 548 -44.20 -28.33 -4.53
N HIS B 549 -44.88 -28.04 -3.41
CA HIS B 549 -45.52 -26.75 -3.20
C HIS B 549 -45.21 -26.22 -1.80
N ARG B 550 -44.04 -26.56 -1.27
CA ARG B 550 -43.63 -26.11 0.05
C ARG B 550 -42.27 -25.43 0.08
N LEU B 551 -41.41 -25.65 -0.92
CA LEU B 551 -40.08 -25.07 -0.92
C LEU B 551 -40.14 -23.55 -1.00
N THR B 552 -39.69 -22.88 0.05
CA THR B 552 -39.72 -21.42 0.12
C THR B 552 -38.38 -20.79 -0.20
N CYS B 553 -37.30 -21.56 -0.20
CA CYS B 553 -35.96 -21.01 -0.45
C CYS B 553 -35.06 -22.11 -0.94
N LEU B 554 -34.57 -21.99 -2.17
CA LEU B 554 -33.56 -22.90 -2.70
C LEU B 554 -32.18 -22.32 -2.42
N LYS B 555 -31.21 -23.20 -2.18
CA LYS B 555 -29.85 -22.81 -1.83
C LYS B 555 -28.90 -23.61 -2.73
N LEU B 556 -28.61 -23.07 -3.92
CA LEU B 556 -27.68 -23.68 -4.86
C LEU B 556 -26.41 -22.85 -5.00
N TRP B 557 -25.93 -22.29 -3.89
CA TRP B 557 -24.83 -21.35 -3.94
C TRP B 557 -23.49 -22.05 -3.73
N TYR B 558 -22.42 -21.32 -4.04
CA TYR B 558 -21.05 -21.86 -4.10
C TYR B 558 -20.97 -23.07 -5.03
N ASN B 559 -21.67 -22.98 -6.15
CA ASN B 559 -21.70 -24.01 -7.19
C ASN B 559 -21.18 -23.43 -8.50
N HIS B 560 -21.30 -24.20 -9.58
CA HIS B 560 -20.85 -23.76 -10.89
C HIS B 560 -21.98 -23.81 -11.90
N ILE B 561 -23.16 -23.33 -11.51
CA ILE B 561 -24.33 -23.35 -12.38
C ILE B 561 -24.13 -22.32 -13.48
N ALA B 562 -23.91 -22.79 -14.71
CA ALA B 562 -23.65 -21.89 -15.83
C ALA B 562 -24.88 -21.05 -16.17
N TYR B 563 -26.06 -21.65 -16.13
CA TYR B 563 -27.29 -20.92 -16.40
C TYR B 563 -28.43 -21.56 -15.64
N ILE B 564 -29.41 -20.75 -15.25
CA ILE B 564 -30.58 -21.21 -14.54
C ILE B 564 -31.73 -21.31 -15.52
N PRO B 565 -32.34 -22.48 -15.72
CA PRO B 565 -33.34 -22.65 -16.78
C PRO B 565 -34.63 -21.88 -16.50
N ILE B 566 -35.49 -21.91 -17.53
CA ILE B 566 -36.71 -21.09 -17.53
C ILE B 566 -37.72 -21.60 -16.51
N GLN B 567 -37.85 -22.93 -16.39
CA GLN B 567 -38.95 -23.53 -15.63
C GLN B 567 -38.92 -23.14 -14.16
N ILE B 568 -37.75 -22.76 -13.64
CA ILE B 568 -37.64 -22.35 -12.24
C ILE B 568 -38.43 -21.08 -11.95
N GLY B 569 -38.86 -20.36 -12.98
CA GLY B 569 -39.75 -19.23 -12.80
C GLY B 569 -41.18 -19.59 -12.50
N ASN B 570 -41.51 -20.90 -12.42
CA ASN B 570 -42.85 -21.32 -12.07
C ASN B 570 -43.05 -21.51 -10.57
N LEU B 571 -41.99 -21.35 -9.76
CA LEU B 571 -42.08 -21.54 -8.32
C LEU B 571 -42.40 -20.19 -7.67
N THR B 572 -43.69 -19.97 -7.40
CA THR B 572 -44.10 -18.72 -6.77
C THR B 572 -43.80 -18.72 -5.27
N ASN B 573 -43.84 -19.89 -4.62
CA ASN B 573 -43.64 -19.98 -3.18
C ASN B 573 -42.19 -19.70 -2.77
N LEU B 574 -41.26 -19.65 -3.72
CA LEU B 574 -39.87 -19.31 -3.41
C LEU B 574 -39.78 -17.87 -2.93
N GLU B 575 -39.07 -17.67 -1.81
CA GLU B 575 -38.93 -16.35 -1.21
C GLU B 575 -37.48 -15.93 -0.99
N ARG B 576 -36.52 -16.83 -1.16
CA ARG B 576 -35.13 -16.53 -0.85
C ARG B 576 -34.24 -17.34 -1.78
N LEU B 577 -33.50 -16.66 -2.64
CA LEU B 577 -32.63 -17.30 -3.63
C LEU B 577 -31.19 -17.04 -3.24
N TYR B 578 -30.49 -18.08 -2.77
CA TYR B 578 -29.06 -18.00 -2.49
C TYR B 578 -28.33 -18.73 -3.60
N LEU B 579 -27.86 -17.96 -4.59
CA LEU B 579 -27.17 -18.50 -5.75
C LEU B 579 -25.84 -17.79 -5.96
N ASN B 580 -25.26 -17.24 -4.89
CA ASN B 580 -24.03 -16.47 -5.07
C ASN B 580 -22.83 -17.39 -5.26
N ARG B 581 -21.77 -16.81 -5.85
CA ARG B 581 -20.57 -17.53 -6.25
C ARG B 581 -20.90 -18.70 -7.18
N ASN B 582 -21.60 -18.39 -8.26
CA ASN B 582 -21.98 -19.36 -9.27
C ASN B 582 -21.43 -18.91 -10.62
N LYS B 583 -21.77 -19.65 -11.67
CA LYS B 583 -21.29 -19.39 -13.02
C LYS B 583 -22.38 -18.79 -13.91
N ILE B 584 -23.38 -18.15 -13.31
CA ILE B 584 -24.50 -17.63 -14.08
C ILE B 584 -24.03 -16.45 -14.93
N GLU B 585 -24.27 -16.53 -16.24
CA GLU B 585 -23.82 -15.50 -17.17
C GLU B 585 -24.90 -14.43 -17.35
N LYS B 586 -26.07 -14.82 -17.82
CA LYS B 586 -27.21 -13.91 -17.90
C LYS B 586 -28.39 -14.57 -17.19
N ILE B 587 -28.94 -13.86 -16.20
CA ILE B 587 -30.14 -14.33 -15.52
C ILE B 587 -31.35 -13.85 -16.32
N PRO B 588 -32.24 -14.75 -16.73
CA PRO B 588 -33.36 -14.36 -17.58
C PRO B 588 -34.40 -13.52 -16.86
N THR B 589 -35.08 -12.69 -17.65
CA THR B 589 -36.15 -11.86 -17.11
C THR B 589 -37.36 -12.70 -16.73
N GLN B 590 -37.65 -13.76 -17.48
CA GLN B 590 -38.77 -14.63 -17.17
C GLN B 590 -38.63 -15.24 -15.77
N LEU B 591 -37.38 -15.44 -15.32
CA LEU B 591 -37.15 -15.99 -13.99
C LEU B 591 -37.66 -15.06 -12.90
N PHE B 592 -37.65 -13.76 -13.16
CA PHE B 592 -38.10 -12.78 -12.18
C PHE B 592 -39.61 -12.52 -12.27
N TYR B 593 -40.37 -13.42 -12.87
CA TYR B 593 -41.82 -13.37 -12.76
C TYR B 593 -42.29 -13.59 -11.33
N CYS B 594 -41.51 -14.31 -10.53
CA CYS B 594 -41.76 -14.45 -9.10
C CYS B 594 -41.22 -13.20 -8.42
N ARG B 595 -42.12 -12.30 -8.04
CA ARG B 595 -41.74 -11.02 -7.47
C ARG B 595 -41.59 -10.78 -5.97
N LYS B 596 -41.92 -11.83 -5.20
CA LYS B 596 -41.78 -11.75 -3.71
C LYS B 596 -40.48 -12.45 -3.28
N LEU B 597 -39.38 -12.16 -3.97
CA LEU B 597 -38.06 -12.75 -3.60
C LEU B 597 -37.43 -11.89 -2.50
N ARG B 598 -37.98 -11.95 -1.28
CA ARG B 598 -37.48 -11.13 -0.15
C ARG B 598 -35.95 -11.17 -0.12
N TYR B 599 -35.37 -12.35 0.09
CA TYR B 599 -33.91 -12.41 0.18
C TYR B 599 -33.35 -12.88 -1.15
N LEU B 600 -32.14 -12.41 -1.48
CA LEU B 600 -31.50 -12.83 -2.71
C LEU B 600 -29.98 -12.74 -2.56
N ASP B 601 -29.29 -13.78 -3.02
CA ASP B 601 -27.83 -13.83 -3.02
C ASP B 601 -27.37 -14.21 -4.41
N LEU B 602 -26.76 -13.24 -5.12
CA LEU B 602 -26.28 -13.50 -6.47
C LEU B 602 -24.87 -12.97 -6.68
N SER B 603 -24.11 -12.80 -5.59
CA SER B 603 -22.77 -12.24 -5.66
C SER B 603 -21.79 -13.17 -6.37
N HIS B 604 -20.63 -12.61 -6.70
CA HIS B 604 -19.47 -13.36 -7.21
C HIS B 604 -19.82 -14.12 -8.49
N ASN B 605 -20.59 -13.49 -9.35
CA ASN B 605 -21.14 -14.15 -10.53
C ASN B 605 -20.67 -13.41 -11.80
N ASN B 606 -21.23 -13.80 -12.94
CA ASN B 606 -20.81 -13.28 -14.24
C ASN B 606 -21.93 -12.49 -14.92
N LEU B 607 -22.75 -11.79 -14.15
CA LEU B 607 -23.83 -11.01 -14.72
C LEU B 607 -23.29 -9.72 -15.34
N THR B 608 -23.57 -9.53 -16.63
CA THR B 608 -23.06 -8.38 -17.37
C THR B 608 -24.01 -7.17 -17.33
N PHE B 609 -25.26 -7.37 -16.93
CA PHE B 609 -26.20 -6.27 -16.77
C PHE B 609 -27.39 -6.79 -15.98
N LEU B 610 -28.02 -5.88 -15.25
CA LEU B 610 -29.17 -6.26 -14.43
C LEU B 610 -30.42 -6.25 -15.29
N PRO B 611 -31.09 -7.38 -15.47
CA PRO B 611 -32.07 -7.54 -16.55
C PRO B 611 -33.42 -6.90 -16.23
N ALA B 612 -34.37 -7.11 -17.16
CA ALA B 612 -35.57 -6.30 -17.21
C ALA B 612 -36.51 -6.53 -16.03
N ASP B 613 -36.84 -7.78 -15.76
CA ASP B 613 -37.94 -8.04 -14.83
C ASP B 613 -37.54 -7.91 -13.36
N ILE B 614 -36.35 -7.37 -13.07
CA ILE B 614 -36.10 -6.82 -11.74
C ILE B 614 -37.07 -5.68 -11.48
N GLY B 615 -37.47 -4.96 -12.53
CA GLY B 615 -38.58 -4.02 -12.40
C GLY B 615 -39.87 -4.69 -11.99
N LEU B 616 -40.05 -5.96 -12.37
CA LEU B 616 -41.21 -6.71 -11.91
C LEU B 616 -41.13 -7.02 -10.42
N LEU B 617 -39.93 -7.14 -9.87
CA LEU B 617 -39.76 -7.48 -8.47
C LEU B 617 -40.23 -6.32 -7.59
N GLN B 618 -41.02 -6.64 -6.56
CA GLN B 618 -41.55 -5.64 -5.65
C GLN B 618 -41.46 -6.02 -4.18
N ASN B 619 -41.37 -7.30 -3.85
CA ASN B 619 -41.49 -7.80 -2.48
C ASN B 619 -40.16 -8.34 -2.00
N LEU B 620 -39.10 -7.57 -2.24
CA LEU B 620 -37.72 -7.94 -1.96
C LEU B 620 -37.15 -7.05 -0.85
N GLN B 621 -35.99 -7.47 -0.33
CA GLN B 621 -35.34 -6.64 0.69
C GLN B 621 -33.84 -6.47 0.41
N ASN B 622 -33.22 -7.39 -0.32
CA ASN B 622 -31.83 -7.20 -0.75
C ASN B 622 -31.55 -7.93 -2.06
N LEU B 623 -30.59 -7.40 -2.80
CA LEU B 623 -29.96 -8.08 -3.93
C LEU B 623 -28.45 -8.02 -3.77
N ALA B 624 -27.80 -9.16 -4.01
CA ALA B 624 -26.36 -9.28 -3.93
C ALA B 624 -25.81 -9.29 -5.35
N VAL B 625 -25.14 -8.20 -5.73
CA VAL B 625 -24.61 -8.04 -7.08
C VAL B 625 -23.08 -7.87 -7.01
N THR B 626 -22.48 -8.31 -5.91
CA THR B 626 -21.04 -8.19 -5.74
C THR B 626 -20.28 -9.03 -6.76
N ALA B 627 -19.23 -8.43 -7.33
CA ALA B 627 -18.26 -9.10 -8.21
C ALA B 627 -18.94 -9.71 -9.44
N ASN B 628 -19.46 -8.83 -10.28
CA ASN B 628 -19.89 -9.22 -11.62
C ASN B 628 -19.59 -8.05 -12.57
N ARG B 629 -20.22 -8.06 -13.73
CA ARG B 629 -19.90 -7.11 -14.79
C ARG B 629 -21.05 -6.14 -15.07
N ILE B 630 -21.78 -5.75 -14.03
CA ILE B 630 -22.91 -4.83 -14.16
C ILE B 630 -22.41 -3.41 -14.00
N GLU B 631 -22.84 -2.52 -14.90
CA GLU B 631 -22.28 -1.17 -14.98
C GLU B 631 -23.13 -0.09 -14.31
N ALA B 632 -24.43 -0.30 -14.15
CA ALA B 632 -25.28 0.79 -13.67
C ALA B 632 -26.42 0.25 -12.82
N LEU B 633 -26.99 1.12 -12.01
CA LEU B 633 -28.28 0.87 -11.37
C LEU B 633 -29.38 1.30 -12.33
N PRO B 634 -30.01 0.37 -13.06
CA PRO B 634 -30.96 0.78 -14.08
C PRO B 634 -32.32 1.08 -13.47
N PRO B 635 -33.29 1.53 -14.27
CA PRO B 635 -34.67 1.63 -13.75
C PRO B 635 -35.25 0.29 -13.31
N GLU B 636 -34.64 -0.83 -13.71
CA GLU B 636 -35.10 -2.14 -13.30
C GLU B 636 -34.96 -2.34 -11.80
N LEU B 637 -33.79 -2.03 -11.24
CA LEU B 637 -33.65 -2.00 -9.79
C LEU B 637 -34.39 -0.82 -9.17
N PHE B 638 -34.75 0.18 -9.97
CA PHE B 638 -35.40 1.37 -9.46
C PHE B 638 -36.92 1.24 -9.40
N GLN B 639 -37.49 0.20 -9.97
CA GLN B 639 -38.90 -0.07 -9.74
C GLN B 639 -39.14 -0.85 -8.46
N CYS B 640 -38.08 -1.13 -7.70
CA CYS B 640 -38.19 -1.80 -6.42
C CYS B 640 -38.21 -0.77 -5.30
N ARG B 641 -39.18 -0.90 -4.39
CA ARG B 641 -39.41 0.11 -3.36
C ARG B 641 -39.28 -0.47 -1.96
N LYS B 642 -38.63 -1.64 -1.82
CA LYS B 642 -38.46 -2.24 -0.51
C LYS B 642 -37.05 -2.78 -0.27
N LEU B 643 -36.08 -2.42 -1.10
CA LEU B 643 -34.73 -2.91 -0.90
C LEU B 643 -34.06 -2.20 0.27
N ARG B 644 -33.36 -2.96 1.11
CA ARG B 644 -32.74 -2.42 2.31
C ARG B 644 -31.22 -2.57 2.34
N ALA B 645 -30.66 -3.60 1.72
CA ALA B 645 -29.22 -3.81 1.68
C ALA B 645 -28.78 -4.04 0.24
N LEU B 646 -27.78 -3.29 -0.21
CA LEU B 646 -27.20 -3.46 -1.53
C LEU B 646 -25.79 -4.03 -1.40
N HIS B 647 -25.63 -5.27 -1.85
CA HIS B 647 -24.32 -5.93 -1.85
C HIS B 647 -23.70 -5.84 -3.24
N LEU B 648 -23.18 -4.66 -3.55
CA LEU B 648 -22.74 -4.32 -4.90
C LEU B 648 -21.25 -4.02 -4.98
N GLY B 649 -20.45 -4.54 -4.06
CA GLY B 649 -19.07 -4.12 -3.97
C GLY B 649 -18.18 -4.75 -5.01
N ASN B 650 -16.94 -4.26 -5.04
CA ASN B 650 -15.86 -4.63 -5.97
C ASN B 650 -16.36 -4.94 -7.37
N ASN B 651 -17.14 -4.01 -7.93
CA ASN B 651 -17.79 -4.20 -9.22
C ASN B 651 -17.22 -3.20 -10.22
N VAL B 652 -17.79 -3.21 -11.43
CA VAL B 652 -17.44 -2.23 -12.45
C VAL B 652 -18.64 -1.31 -12.65
N LEU B 653 -19.41 -1.13 -11.58
CA LEU B 653 -20.57 -0.25 -11.58
C LEU B 653 -20.16 1.18 -11.84
N GLN B 654 -20.57 1.72 -12.99
CA GLN B 654 -20.06 3.02 -13.44
C GLN B 654 -20.62 4.17 -12.61
N SER B 655 -21.91 4.13 -12.29
CA SER B 655 -22.56 5.26 -11.64
C SER B 655 -23.77 4.81 -10.84
N LEU B 656 -24.17 5.66 -9.90
CA LEU B 656 -25.44 5.54 -9.19
C LEU B 656 -26.40 6.60 -9.73
N PRO B 657 -27.40 6.23 -10.52
CA PRO B 657 -28.39 7.22 -10.97
C PRO B 657 -29.24 7.74 -9.82
N SER B 658 -30.14 8.67 -10.18
CA SER B 658 -30.74 9.57 -9.20
C SER B 658 -31.68 8.88 -8.22
N ARG B 659 -32.46 7.89 -8.64
CA ARG B 659 -33.58 7.43 -7.81
C ARG B 659 -33.12 6.64 -6.59
N VAL B 660 -31.85 6.20 -6.55
CA VAL B 660 -31.31 5.60 -5.33
C VAL B 660 -31.25 6.61 -4.19
N GLY B 661 -31.32 7.90 -4.50
CA GLY B 661 -31.46 8.93 -3.49
C GLY B 661 -32.86 9.13 -2.95
N GLU B 662 -33.83 8.36 -3.45
CA GLU B 662 -35.15 8.28 -2.82
C GLU B 662 -35.21 7.13 -1.83
N LEU B 663 -34.30 6.17 -1.95
CA LEU B 663 -34.26 4.98 -1.09
C LEU B 663 -33.77 5.37 0.31
N THR B 664 -34.68 5.98 1.06
CA THR B 664 -34.36 6.42 2.41
C THR B 664 -34.17 5.24 3.36
N ASN B 665 -34.96 4.17 3.18
CA ASN B 665 -34.81 2.96 3.98
C ASN B 665 -33.69 2.12 3.38
N LEU B 666 -32.47 2.59 3.57
CA LEU B 666 -31.27 1.95 3.04
C LEU B 666 -30.36 1.60 4.20
N THR B 667 -30.43 0.34 4.64
CA THR B 667 -29.65 -0.10 5.79
C THR B 667 -28.16 -0.10 5.48
N GLN B 668 -27.77 -0.71 4.36
CA GLN B 668 -26.36 -0.82 3.99
C GLN B 668 -26.20 -0.71 2.48
N ILE B 669 -25.00 -0.28 2.07
CA ILE B 669 -24.51 -0.46 0.71
C ILE B 669 -23.13 -1.06 0.82
N GLU B 670 -22.74 -1.82 -0.20
CA GLU B 670 -21.40 -2.40 -0.25
C GLU B 670 -20.72 -1.91 -1.51
N LEU B 671 -19.59 -1.23 -1.35
CA LEU B 671 -18.87 -0.58 -2.44
C LEU B 671 -17.37 -0.80 -2.30
N ARG B 672 -16.95 -2.03 -2.03
CA ARG B 672 -15.54 -2.30 -1.68
C ARG B 672 -14.71 -2.44 -2.96
N GLY B 673 -14.51 -1.30 -3.63
CA GLY B 673 -13.74 -1.24 -4.84
C GLY B 673 -14.52 -0.91 -6.10
N ASN B 674 -15.73 -0.40 -5.98
CA ASN B 674 -16.55 -0.14 -7.15
C ASN B 674 -16.07 1.12 -7.88
N ARG B 675 -16.42 1.21 -9.16
CA ARG B 675 -15.95 2.31 -10.00
C ARG B 675 -16.95 3.46 -10.09
N LEU B 676 -17.31 4.04 -8.95
CA LEU B 676 -18.21 5.20 -8.96
C LEU B 676 -17.44 6.49 -9.22
N GLU B 677 -18.03 7.36 -10.04
CA GLU B 677 -17.46 8.69 -10.24
C GLU B 677 -17.53 9.51 -8.96
N CYS B 678 -18.72 9.59 -8.37
CA CYS B 678 -18.96 10.32 -7.12
C CYS B 678 -20.36 9.96 -6.64
N LEU B 679 -20.55 10.06 -5.33
CA LEU B 679 -21.88 9.86 -4.77
C LEU B 679 -22.77 11.03 -5.15
N PRO B 680 -23.94 10.80 -5.73
CA PRO B 680 -24.82 11.91 -6.14
C PRO B 680 -25.37 12.65 -4.94
N VAL B 681 -25.76 13.91 -5.19
CA VAL B 681 -26.36 14.74 -4.15
C VAL B 681 -27.71 14.22 -3.69
N GLU B 682 -28.35 13.34 -4.47
CA GLU B 682 -29.59 12.71 -4.04
C GLU B 682 -29.37 11.82 -2.81
N LEU B 683 -28.15 11.29 -2.64
CA LEU B 683 -27.83 10.57 -1.41
C LEU B 683 -27.78 11.49 -0.21
N GLY B 684 -27.59 12.80 -0.42
CA GLY B 684 -27.79 13.76 0.65
C GLY B 684 -29.24 14.02 0.98
N GLU B 685 -30.17 13.53 0.14
CA GLU B 685 -31.58 13.62 0.42
C GLU B 685 -32.03 12.70 1.55
N CYS B 686 -31.21 11.71 1.91
CA CYS B 686 -31.57 10.75 2.95
C CYS B 686 -30.66 10.91 4.15
N PRO B 687 -31.09 11.62 5.21
CA PRO B 687 -30.33 11.59 6.47
C PRO B 687 -30.46 10.29 7.23
N LEU B 688 -31.38 9.40 6.83
CA LEU B 688 -31.54 8.13 7.52
C LEU B 688 -30.30 7.26 7.38
N LEU B 689 -29.70 7.22 6.20
CA LEU B 689 -28.45 6.50 6.01
C LEU B 689 -27.32 7.27 6.70
N LYS B 690 -26.70 6.64 7.70
CA LYS B 690 -25.64 7.24 8.47
C LYS B 690 -24.30 6.67 8.05
N ARG B 691 -23.22 7.30 8.52
CA ARG B 691 -21.87 6.92 8.10
C ARG B 691 -21.55 5.50 8.53
N SER B 692 -21.96 5.10 9.74
CA SER B 692 -21.82 3.71 10.14
C SER B 692 -22.81 2.81 9.42
N GLY B 693 -23.95 3.36 9.00
CA GLY B 693 -24.94 2.54 8.32
C GLY B 693 -24.48 2.05 6.96
N LEU B 694 -23.97 2.96 6.13
CA LEU B 694 -23.49 2.60 4.81
C LEU B 694 -21.99 2.31 4.85
N VAL B 695 -21.53 1.53 3.89
CA VAL B 695 -20.11 1.24 3.73
C VAL B 695 -19.66 1.94 2.45
N VAL B 696 -18.96 3.06 2.60
CA VAL B 696 -18.53 3.90 1.49
C VAL B 696 -17.04 4.15 1.62
N GLU B 697 -16.33 4.11 0.49
CA GLU B 697 -14.89 4.38 0.48
C GLU B 697 -14.61 5.80 0.94
N GLU B 698 -13.47 5.99 1.61
CA GLU B 698 -13.16 7.29 2.22
C GLU B 698 -12.99 8.37 1.16
N ASP B 699 -12.33 8.05 0.04
CA ASP B 699 -12.21 9.04 -1.03
C ASP B 699 -13.55 9.29 -1.70
N LEU B 700 -14.40 8.27 -1.78
CA LEU B 700 -15.73 8.45 -2.34
C LEU B 700 -16.64 9.20 -1.37
N PHE B 701 -16.50 8.94 -0.07
CA PHE B 701 -17.37 9.56 0.92
C PHE B 701 -17.11 11.05 1.04
N SER B 702 -15.86 11.49 0.85
CA SER B 702 -15.49 12.88 1.07
C SER B 702 -16.03 13.82 0.00
N THR B 703 -16.50 13.30 -1.14
CA THR B 703 -17.00 14.17 -2.20
C THR B 703 -18.35 14.77 -1.89
N LEU B 704 -19.03 14.30 -0.84
CA LEU B 704 -20.30 14.87 -0.45
C LEU B 704 -20.10 16.29 0.11
N PRO B 705 -21.11 17.14 0.03
CA PRO B 705 -20.94 18.53 0.49
C PRO B 705 -20.61 18.58 1.97
N PRO B 706 -19.89 19.61 2.40
CA PRO B 706 -19.52 19.72 3.83
C PRO B 706 -20.72 19.77 4.77
N GLU B 707 -21.83 20.38 4.33
CA GLU B 707 -23.06 20.31 5.12
C GLU B 707 -23.58 18.87 5.17
N VAL B 708 -23.54 18.17 4.04
CA VAL B 708 -23.99 16.78 4.00
C VAL B 708 -23.08 15.88 4.84
N LYS B 709 -21.77 16.09 4.75
CA LYS B 709 -20.84 15.29 5.54
C LYS B 709 -20.98 15.58 7.04
N GLU B 710 -21.18 16.84 7.38
CA GLU B 710 -21.41 17.19 8.78
C GLU B 710 -22.71 16.58 9.30
N ARG B 711 -23.76 16.59 8.46
CA ARG B 711 -25.00 15.93 8.84
C ARG B 711 -24.82 14.42 8.99
N LEU B 712 -23.98 13.82 8.16
CA LEU B 712 -23.72 12.38 8.26
C LEU B 712 -23.00 12.05 9.56
N TRP B 713 -21.97 12.81 9.90
CA TRP B 713 -21.28 12.58 11.17
C TRP B 713 -22.19 12.88 12.35
N ARG B 714 -23.05 13.89 12.22
CA ARG B 714 -24.02 14.22 13.26
C ARG B 714 -24.98 13.06 13.50
N ALA B 715 -25.57 12.54 12.42
CA ALA B 715 -26.48 11.39 12.54
C ALA B 715 -25.76 10.14 13.02
N ASP B 716 -24.45 10.04 12.75
CA ASP B 716 -23.65 9.00 13.38
C ASP B 716 -23.62 9.19 14.89
N LYS B 717 -23.47 10.44 15.35
CA LYS B 717 -23.59 10.71 16.78
C LYS B 717 -25.06 10.71 17.20
N GLU B 718 -25.95 11.22 16.35
CA GLU B 718 -27.38 11.28 16.67
C GLU B 718 -28.10 10.03 16.18
N LEU C 400 32.19 -10.37 20.52
CA LEU C 400 31.00 -10.33 21.42
C LEU C 400 30.25 -9.01 21.23
N LYS C 401 30.99 -7.90 21.05
CA LYS C 401 30.35 -6.58 20.81
C LYS C 401 29.40 -6.69 19.62
N GLN C 402 29.88 -7.26 18.51
CA GLN C 402 29.04 -7.40 17.28
C GLN C 402 27.86 -8.34 17.57
N LEU C 403 28.10 -9.45 18.28
CA LEU C 403 27.02 -10.40 18.61
C LEU C 403 25.93 -9.67 19.42
N ASN C 404 26.33 -8.93 20.46
CA ASN C 404 25.37 -8.18 21.29
C ASN C 404 24.66 -7.13 20.43
N LEU C 405 25.42 -6.45 19.55
CA LEU C 405 24.84 -5.40 18.68
C LEU C 405 23.79 -5.99 17.75
N ASN C 406 24.08 -7.18 17.18
CA ASN C 406 23.13 -7.82 16.23
C ASN C 406 21.83 -8.16 16.98
N ASN C 407 21.94 -8.70 18.19
CA ASN C 407 20.73 -9.01 19.02
C ASN C 407 20.05 -7.69 19.40
N GLU C 408 20.83 -6.68 19.77
CA GLU C 408 20.28 -5.35 20.18
C GLU C 408 19.50 -4.75 19.01
N TRP C 409 20.07 -4.76 17.80
CA TRP C 409 19.40 -4.11 16.68
C TRP C 409 18.82 -5.18 15.77
N THR C 410 17.58 -5.56 16.06
CA THR C 410 16.83 -6.45 15.20
C THR C 410 16.52 -5.76 13.88
N PRO C 411 16.27 -6.54 12.81
CA PRO C 411 15.89 -5.91 11.54
C PRO C 411 14.63 -5.07 11.62
N ASP C 412 13.71 -5.41 12.53
CA ASP C 412 12.50 -4.59 12.71
C ASP C 412 12.86 -3.19 13.21
N LYS C 413 13.83 -3.10 14.13
CA LYS C 413 14.24 -1.80 14.64
C LYS C 413 14.87 -0.94 13.55
N LEU C 414 15.68 -1.55 12.68
CA LEU C 414 16.27 -0.80 11.59
C LEU C 414 15.23 -0.44 10.53
N ARG C 415 14.22 -1.29 10.34
CA ARG C 415 13.15 -0.95 9.41
C ARG C 415 12.33 0.23 9.92
N GLN C 416 12.05 0.27 11.23
CA GLN C 416 11.33 1.42 11.79
C GLN C 416 12.23 2.63 11.95
N LYS C 417 13.55 2.46 11.88
CA LYS C 417 14.48 3.58 11.89
C LYS C 417 14.55 4.27 10.53
N LEU C 418 14.10 3.60 9.48
CA LEU C 418 14.26 4.07 8.10
C LEU C 418 13.60 5.43 7.88
N GLN C 419 14.28 6.29 7.12
CA GLN C 419 13.79 7.62 6.79
C GLN C 419 14.49 8.10 5.53
N THR C 420 14.19 9.33 5.13
CA THR C 420 14.75 9.94 3.93
C THR C 420 15.72 11.04 4.30
N ASN C 421 16.69 11.28 3.40
CA ASN C 421 17.74 12.25 3.63
C ASN C 421 17.45 13.54 2.85
N ALA C 422 18.44 14.43 2.80
CA ALA C 422 18.33 15.68 2.06
C ALA C 422 18.52 15.49 0.56
N HIS C 423 18.86 14.30 0.10
CA HIS C 423 19.03 14.01 -1.33
C HIS C 423 17.90 13.13 -1.88
N ASN C 424 16.79 13.00 -1.13
CA ASN C 424 15.65 12.16 -1.50
C ASN C 424 16.07 10.72 -1.76
N ARG C 425 16.82 10.16 -0.81
CA ARG C 425 17.23 8.77 -0.84
C ARG C 425 16.86 8.12 0.48
N LEU C 426 16.63 6.80 0.44
CA LEU C 426 16.34 6.05 1.65
C LEU C 426 17.62 5.93 2.47
N GLU C 427 17.69 6.65 3.59
CA GLU C 427 18.91 6.74 4.38
C GLU C 427 18.69 6.16 5.77
N LEU C 428 19.67 5.40 6.25
CA LEU C 428 19.68 4.91 7.61
C LEU C 428 20.55 5.81 8.46
N PRO C 429 19.98 6.58 9.40
CA PRO C 429 20.80 7.48 10.24
C PRO C 429 21.36 6.75 11.47
N LEU C 430 22.38 5.93 11.25
CA LEU C 430 23.01 5.20 12.34
C LEU C 430 23.91 6.18 13.10
N ILE C 431 23.51 6.50 14.33
CA ILE C 431 24.12 7.56 15.12
C ILE C 431 24.40 7.00 16.51
N MET C 432 25.61 7.30 17.04
CA MET C 432 26.03 6.88 18.38
C MET C 432 25.96 5.35 18.56
N LEU C 433 26.80 4.67 17.79
CA LEU C 433 26.88 3.22 17.84
C LEU C 433 28.33 2.79 17.92
N SER C 434 28.55 1.51 18.26
CA SER C 434 29.91 0.98 18.31
C SER C 434 30.36 0.49 16.93
N GLY C 435 29.46 -0.12 16.18
CA GLY C 435 29.76 -0.63 14.86
C GLY C 435 28.48 -0.75 14.06
N LEU C 436 28.59 -1.38 12.90
CA LEU C 436 27.39 -1.63 12.11
C LEU C 436 26.77 -2.97 12.51
N PRO C 437 25.46 -3.05 12.64
CA PRO C 437 24.83 -4.37 12.82
C PRO C 437 24.84 -5.16 11.53
N ASP C 438 24.80 -6.49 11.66
CA ASP C 438 24.69 -7.36 10.50
C ASP C 438 23.27 -7.41 9.93
N THR C 439 22.29 -6.87 10.66
CA THR C 439 20.92 -6.80 10.19
C THR C 439 20.67 -5.56 9.32
N VAL C 440 21.68 -4.72 9.12
CA VAL C 440 21.55 -3.60 8.19
C VAL C 440 21.34 -4.13 6.77
N PHE C 441 22.08 -5.16 6.40
CA PHE C 441 22.09 -5.62 5.02
C PHE C 441 20.85 -6.44 4.66
N GLU C 442 20.01 -6.77 5.64
CA GLU C 442 18.73 -7.40 5.32
C GLU C 442 17.75 -6.41 4.71
N ILE C 443 17.97 -5.11 4.90
CA ILE C 443 17.15 -4.08 4.25
C ILE C 443 17.83 -3.77 2.92
N THR C 444 17.51 -4.59 1.91
CA THR C 444 18.17 -4.47 0.62
C THR C 444 17.67 -3.28 -0.20
N GLU C 445 16.55 -2.68 0.20
CA GLU C 445 16.00 -1.53 -0.52
C GLU C 445 16.68 -0.21 -0.13
N LEU C 446 17.64 -0.25 0.79
CA LEU C 446 18.30 0.96 1.26
C LEU C 446 19.13 1.59 0.15
N GLN C 447 19.14 2.93 0.13
CA GLN C 447 19.91 3.69 -0.85
C GLN C 447 21.01 4.52 -0.24
N SER C 448 21.04 4.69 1.08
CA SER C 448 22.09 5.47 1.74
C SER C 448 22.18 5.06 3.20
N LEU C 449 23.38 5.21 3.77
CA LEU C 449 23.56 5.09 5.22
C LEU C 449 24.24 6.35 5.74
N LYS C 450 23.67 6.92 6.79
CA LYS C 450 24.30 7.99 7.55
C LYS C 450 24.96 7.36 8.76
N LEU C 451 26.29 7.31 8.77
CA LEU C 451 27.06 6.81 9.90
C LEU C 451 27.60 8.01 10.64
N GLU C 452 27.08 8.25 11.85
CA GLU C 452 27.46 9.41 12.64
C GLU C 452 28.16 8.94 13.91
N ILE C 453 29.45 9.25 14.01
CA ILE C 453 30.31 8.94 15.16
C ILE C 453 30.26 7.44 15.48
N ILE C 454 30.56 6.61 14.49
CA ILE C 454 30.69 5.17 14.67
C ILE C 454 32.09 4.81 14.18
N LYS C 455 33.04 4.77 15.11
CA LYS C 455 34.43 4.54 14.75
C LYS C 455 34.75 3.05 14.69
N ASN C 456 35.96 2.74 14.22
CA ASN C 456 36.55 1.40 14.02
C ASN C 456 35.52 0.36 13.57
N VAL C 457 34.86 0.66 12.45
CA VAL C 457 33.82 -0.17 11.87
C VAL C 457 34.41 -0.95 10.70
N MET C 458 34.16 -2.25 10.66
CA MET C 458 34.61 -3.10 9.58
C MET C 458 33.40 -3.59 8.79
N ILE C 459 33.27 -3.13 7.55
CA ILE C 459 32.11 -3.45 6.72
C ILE C 459 32.27 -4.84 6.11
N PRO C 460 31.33 -5.75 6.32
CA PRO C 460 31.44 -7.08 5.72
C PRO C 460 31.08 -7.07 4.23
N ALA C 461 31.25 -8.23 3.60
CA ALA C 461 30.91 -8.39 2.19
C ALA C 461 29.40 -8.47 1.98
N THR C 462 28.61 -8.60 3.05
CA THR C 462 27.17 -8.74 2.94
C THR C 462 26.52 -7.46 2.41
N ILE C 463 27.28 -6.36 2.34
CA ILE C 463 26.87 -5.14 1.67
C ILE C 463 26.52 -5.39 0.20
N ALA C 464 26.96 -6.53 -0.34
CA ALA C 464 26.55 -6.93 -1.69
C ALA C 464 25.04 -7.10 -1.81
N GLN C 465 24.34 -7.33 -0.69
CA GLN C 465 22.88 -7.39 -0.74
C GLN C 465 22.26 -6.01 -0.96
N LEU C 466 22.97 -4.93 -0.65
CA LEU C 466 22.45 -3.57 -0.83
C LEU C 466 22.63 -3.18 -2.29
N ASP C 467 21.74 -3.71 -3.13
CA ASP C 467 21.80 -3.41 -4.56
C ASP C 467 21.32 -1.98 -4.84
N ASN C 468 20.38 -1.48 -4.06
CA ASN C 468 19.86 -0.13 -4.25
C ASN C 468 20.77 0.95 -3.68
N LEU C 469 21.86 0.57 -3.01
CA LEU C 469 22.72 1.53 -2.35
C LEU C 469 23.51 2.35 -3.36
N GLN C 470 23.44 3.68 -3.22
CA GLN C 470 24.19 4.57 -4.11
C GLN C 470 24.81 5.76 -3.37
N GLU C 471 24.73 5.82 -2.05
CA GLU C 471 25.20 6.98 -1.29
C GLU C 471 25.70 6.54 0.07
N LEU C 472 26.80 7.12 0.51
CA LEU C 472 27.27 6.99 1.88
C LEU C 472 27.48 8.37 2.48
N CYS C 473 27.18 8.51 3.77
CA CYS C 473 27.40 9.77 4.50
C CYS C 473 28.11 9.42 5.80
N LEU C 474 29.44 9.59 5.81
CA LEU C 474 30.27 9.22 6.96
C LEU C 474 30.53 10.48 7.79
N HIS C 475 29.98 10.50 9.00
CA HIS C 475 30.12 11.62 9.92
C HIS C 475 30.95 11.16 11.11
N GLN C 476 32.23 11.55 11.13
CA GLN C 476 33.16 11.25 12.23
C GLN C 476 33.29 9.74 12.47
N CYS C 477 33.53 9.02 11.38
CA CYS C 477 33.60 7.56 11.44
C CYS C 477 34.88 7.07 10.79
N SER C 478 35.72 6.40 11.57
CA SER C 478 36.94 5.76 11.07
C SER C 478 36.62 4.33 10.68
N VAL C 479 36.09 4.18 9.46
CA VAL C 479 35.49 2.94 9.00
C VAL C 479 36.45 2.20 8.09
N LYS C 480 36.56 0.90 8.27
CA LYS C 480 37.29 0.01 7.37
C LYS C 480 36.30 -0.84 6.57
N ILE C 481 36.76 -1.33 5.43
CA ILE C 481 35.94 -2.15 4.54
C ILE C 481 36.72 -3.38 4.12
N HIS C 482 35.99 -4.39 3.64
CA HIS C 482 36.55 -5.67 3.24
C HIS C 482 36.60 -5.72 1.71
N SER C 483 37.47 -6.61 1.19
CA SER C 483 37.90 -6.54 -0.21
C SER C 483 36.73 -6.66 -1.19
N ALA C 484 35.90 -7.69 -1.02
CA ALA C 484 34.77 -7.84 -1.94
C ALA C 484 33.73 -6.73 -1.74
N ALA C 485 33.55 -6.27 -0.50
CA ALA C 485 32.72 -5.11 -0.27
C ALA C 485 33.30 -3.87 -0.94
N LEU C 486 34.63 -3.74 -0.92
CA LEU C 486 35.30 -2.65 -1.62
C LEU C 486 35.02 -2.71 -3.11
N SER C 487 35.09 -3.91 -3.71
CA SER C 487 34.80 -4.06 -5.12
C SER C 487 33.35 -3.74 -5.44
N PHE C 488 32.42 -4.19 -4.58
CA PHE C 488 31.00 -3.94 -4.82
C PHE C 488 30.69 -2.45 -4.76
N LEU C 489 31.18 -1.76 -3.74
CA LEU C 489 30.97 -0.32 -3.66
C LEU C 489 31.76 0.44 -4.72
N LYS C 490 32.82 -0.16 -5.26
CA LYS C 490 33.49 0.41 -6.41
C LYS C 490 32.62 0.31 -7.65
N GLU C 491 31.82 -0.76 -7.76
CA GLU C 491 30.96 -0.97 -8.92
C GLU C 491 29.54 -0.48 -8.73
N ASN C 492 29.20 0.09 -7.58
CA ASN C 492 27.82 0.49 -7.32
C ASN C 492 27.66 1.92 -6.84
N LEU C 493 28.58 2.44 -6.04
CA LEU C 493 28.34 3.71 -5.36
C LEU C 493 28.52 4.89 -6.29
N LYS C 494 27.76 5.95 -6.04
CA LYS C 494 27.78 7.18 -6.82
C LYS C 494 28.05 8.42 -5.98
N VAL C 495 27.54 8.49 -4.75
CA VAL C 495 27.60 9.68 -3.92
C VAL C 495 28.33 9.37 -2.62
N LEU C 496 29.17 10.30 -2.19
CA LEU C 496 29.84 10.20 -0.90
C LEU C 496 29.80 11.55 -0.20
N SER C 497 29.84 11.51 1.13
CA SER C 497 29.85 12.72 1.96
C SER C 497 30.52 12.36 3.28
N VAL C 498 31.78 12.72 3.43
CA VAL C 498 32.57 12.34 4.59
C VAL C 498 32.98 13.60 5.35
N LYS C 499 32.70 13.63 6.65
CA LYS C 499 33.14 14.69 7.54
C LYS C 499 34.25 14.16 8.44
N PHE C 500 35.32 14.94 8.57
CA PHE C 500 36.49 14.55 9.35
C PHE C 500 36.85 15.60 10.41
N ASP C 501 36.23 15.44 11.59
CA ASP C 501 36.67 16.20 12.75
C ASP C 501 38.09 15.82 13.14
N ASP C 502 38.44 14.55 12.97
CA ASP C 502 39.80 14.07 13.13
C ASP C 502 40.25 13.46 11.81
N MET C 503 41.57 13.47 11.57
CA MET C 503 42.10 13.03 10.27
C MET C 503 41.80 11.56 10.03
N ARG C 504 41.89 10.74 11.08
CA ARG C 504 41.63 9.30 10.94
C ARG C 504 40.18 9.04 10.53
N GLU C 505 39.26 9.92 10.92
CA GLU C 505 37.86 9.76 10.53
C GLU C 505 37.67 9.85 9.01
N LEU C 506 38.60 10.48 8.31
CA LEU C 506 38.59 10.43 6.86
C LEU C 506 39.27 9.15 6.40
N PRO C 507 38.58 8.24 5.73
CA PRO C 507 39.16 6.95 5.39
C PRO C 507 39.91 7.01 4.07
N PRO C 508 41.02 6.26 3.94
CA PRO C 508 41.74 6.23 2.67
C PRO C 508 41.12 5.28 1.66
N TRP C 509 40.26 4.39 2.14
CA TRP C 509 39.61 3.41 1.25
C TRP C 509 38.62 4.07 0.31
N MET C 510 38.00 5.17 0.72
CA MET C 510 36.89 5.75 -0.04
C MET C 510 37.31 6.28 -1.41
N TYR C 511 38.59 6.59 -1.60
CA TYR C 511 39.07 7.03 -2.89
C TYR C 511 39.32 5.89 -3.86
N GLY C 512 39.22 4.64 -3.40
CA GLY C 512 39.47 3.49 -4.26
C GLY C 512 38.36 3.22 -5.26
N LEU C 513 37.19 3.81 -5.07
CA LEU C 513 36.11 3.62 -6.01
C LEU C 513 36.38 4.38 -7.31
N ARG C 514 35.64 4.03 -8.35
CA ARG C 514 35.74 4.73 -9.63
C ARG C 514 34.41 5.20 -10.17
N ASN C 515 33.29 4.69 -9.65
CA ASN C 515 31.96 5.11 -10.09
C ASN C 515 31.44 6.30 -9.31
N LEU C 516 32.32 7.05 -8.65
CA LEU C 516 31.91 8.20 -7.86
C LEU C 516 31.50 9.35 -8.77
N GLU C 517 30.36 9.97 -8.46
CA GLU C 517 29.92 11.18 -9.16
C GLU C 517 29.98 12.41 -8.25
N GLU C 518 29.40 12.32 -7.06
CA GLU C 518 29.26 13.46 -6.17
C GLU C 518 30.03 13.19 -4.88
N LEU C 519 30.81 14.18 -4.44
CA LEU C 519 31.58 14.08 -3.21
C LEU C 519 31.39 15.35 -2.40
N TYR C 520 31.18 15.20 -1.10
CA TYR C 520 31.01 16.32 -0.17
C TYR C 520 32.07 16.19 0.91
N LEU C 521 33.21 16.85 0.72
CA LEU C 521 34.37 16.69 1.59
C LEU C 521 34.37 17.75 2.70
N VAL C 522 33.33 17.73 3.50
CA VAL C 522 33.23 18.59 4.69
C VAL C 522 34.22 18.10 5.74
N GLY C 523 34.72 19.01 6.56
CA GLY C 523 35.55 18.62 7.68
C GLY C 523 36.51 19.74 8.07
N SER C 524 37.64 19.34 8.62
CA SER C 524 38.70 20.25 9.04
C SER C 524 40.02 19.74 8.49
N LEU C 525 40.35 20.16 7.27
CA LEU C 525 41.61 19.78 6.64
C LEU C 525 42.76 20.57 7.25
N SER C 526 43.91 19.91 7.38
CA SER C 526 45.11 20.61 7.82
C SER C 526 45.63 21.48 6.68
N HIS C 527 46.49 22.44 7.04
CA HIS C 527 47.07 23.32 6.03
C HIS C 527 48.06 22.59 5.13
N ASP C 528 48.55 21.43 5.54
CA ASP C 528 49.38 20.58 4.68
C ASP C 528 48.49 19.85 3.69
N ILE C 529 48.08 20.60 2.65
CA ILE C 529 47.08 20.10 1.72
C ILE C 529 47.74 19.33 0.59
N SER C 530 48.85 19.86 0.06
CA SER C 530 49.55 19.20 -1.05
C SER C 530 50.16 17.86 -0.65
N LYS C 531 50.37 17.63 0.65
CA LYS C 531 50.87 16.34 1.11
C LYS C 531 49.80 15.25 1.10
N ASN C 532 48.53 15.60 0.89
CA ASN C 532 47.46 14.62 0.92
C ASN C 532 47.45 13.78 -0.35
N VAL C 533 48.17 12.66 -0.34
CA VAL C 533 48.12 11.72 -1.45
C VAL C 533 46.76 11.04 -1.50
N THR C 534 46.06 10.98 -0.36
CA THR C 534 44.68 10.49 -0.36
C THR C 534 43.78 11.39 -1.19
N LEU C 535 44.00 12.71 -1.12
CA LEU C 535 43.29 13.63 -2.00
C LEU C 535 43.65 13.38 -3.46
N GLU C 536 44.94 13.25 -3.77
CA GLU C 536 45.40 13.10 -5.14
C GLU C 536 44.96 11.77 -5.78
N SER C 537 44.20 10.95 -5.07
CA SER C 537 43.60 9.75 -5.61
C SER C 537 42.25 10.00 -6.26
N LEU C 538 41.75 11.25 -6.25
CA LEU C 538 40.50 11.52 -6.97
C LEU C 538 40.63 11.39 -8.48
N ARG C 539 41.86 11.28 -8.99
CA ARG C 539 42.07 10.92 -10.39
C ARG C 539 41.56 9.52 -10.70
N ASP C 540 41.42 8.67 -9.67
CA ASP C 540 40.87 7.30 -9.90
C ASP C 540 39.40 7.43 -10.28
N LEU C 541 38.69 8.38 -9.67
CA LEU C 541 37.28 8.61 -9.96
C LEU C 541 37.13 9.12 -11.39
N LYS C 542 36.46 8.33 -12.25
CA LYS C 542 36.30 8.67 -13.65
C LYS C 542 34.94 9.30 -13.96
N SER C 543 34.16 9.65 -12.93
CA SER C 543 32.88 10.29 -13.16
C SER C 543 32.58 11.39 -12.15
N LEU C 544 33.59 11.84 -11.39
CA LEU C 544 33.36 12.79 -10.31
C LEU C 544 32.99 14.15 -10.90
N LYS C 545 31.78 14.63 -10.57
CA LYS C 545 31.28 15.89 -11.09
C LYS C 545 30.95 16.91 -10.00
N ILE C 546 30.67 16.48 -8.78
CA ILE C 546 30.35 17.39 -7.68
C ILE C 546 31.40 17.19 -6.59
N LEU C 547 32.02 18.28 -6.17
CA LEU C 547 33.12 18.25 -5.19
C LEU C 547 32.93 19.45 -4.26
N SER C 548 32.35 19.18 -3.09
CA SER C 548 32.06 20.22 -2.09
C SER C 548 32.96 19.99 -0.88
N ILE C 549 33.99 20.82 -0.76
CA ILE C 549 34.95 20.71 0.33
C ILE C 549 34.62 21.82 1.32
N LYS C 550 33.99 21.46 2.44
CA LYS C 550 33.72 22.42 3.52
C LYS C 550 34.87 22.31 4.52
N SER C 551 35.98 22.95 4.17
CA SER C 551 37.18 22.90 5.00
C SER C 551 38.09 24.07 4.62
N ASN C 552 39.11 24.29 5.45
CA ASN C 552 40.04 25.40 5.25
C ASN C 552 41.02 25.03 4.13
N VAL C 553 40.60 25.33 2.90
CA VAL C 553 41.40 25.07 1.71
C VAL C 553 42.19 26.34 1.40
N SER C 554 43.37 26.47 2.00
CA SER C 554 44.24 27.60 1.71
C SER C 554 44.76 27.52 0.29
N LYS C 555 45.46 26.44 -0.04
CA LYS C 555 46.04 26.24 -1.37
C LYS C 555 45.23 25.18 -2.08
N ILE C 556 44.80 25.47 -3.30
CA ILE C 556 43.98 24.53 -4.07
C ILE C 556 44.81 23.30 -4.41
N PRO C 557 44.31 22.09 -4.13
CA PRO C 557 45.12 20.88 -4.36
C PRO C 557 45.32 20.60 -5.84
N GLN C 558 46.42 19.89 -6.14
CA GLN C 558 46.58 19.27 -7.45
C GLN C 558 45.65 18.07 -7.62
N ALA C 559 45.02 17.61 -6.53
CA ALA C 559 43.90 16.69 -6.66
C ALA C 559 42.79 17.32 -7.48
N VAL C 560 42.55 18.63 -7.29
CA VAL C 560 41.61 19.36 -8.11
C VAL C 560 42.11 19.45 -9.55
N VAL C 561 43.43 19.51 -9.75
CA VAL C 561 44.00 19.50 -11.09
C VAL C 561 43.68 18.18 -11.79
N ASP C 562 43.82 17.06 -11.08
CA ASP C 562 43.61 15.75 -11.67
C ASP C 562 42.17 15.48 -12.06
N VAL C 563 41.22 16.28 -11.59
CA VAL C 563 39.80 16.10 -11.91
C VAL C 563 39.32 17.35 -12.65
N SER C 564 40.22 17.93 -13.46
CA SER C 564 39.91 19.18 -14.14
C SER C 564 38.75 19.04 -15.11
N SER C 565 38.66 17.93 -15.84
CA SER C 565 37.68 17.81 -16.90
C SER C 565 36.34 17.31 -16.38
N HIS C 566 36.33 16.15 -15.71
CA HIS C 566 35.08 15.48 -15.37
C HIS C 566 34.26 16.24 -14.33
N LEU C 567 34.86 17.16 -13.60
CA LEU C 567 34.14 17.92 -12.59
C LEU C 567 33.18 18.92 -13.22
N GLN C 568 32.00 19.05 -12.63
CA GLN C 568 31.00 20.02 -13.05
C GLN C 568 30.57 20.97 -11.95
N LYS C 569 30.62 20.56 -10.68
CA LYS C 569 30.29 21.42 -9.55
C LYS C 569 31.46 21.42 -8.58
N MET C 570 31.96 22.62 -8.27
CA MET C 570 33.13 22.78 -7.41
C MET C 570 32.77 23.74 -6.29
N CYS C 571 32.75 23.26 -5.06
CA CYS C 571 32.30 24.03 -3.90
C CYS C 571 33.36 24.01 -2.81
N VAL C 572 33.72 25.19 -2.31
CA VAL C 572 34.61 25.33 -1.17
C VAL C 572 33.97 26.28 -0.17
N HIS C 573 34.01 25.90 1.11
CA HIS C 573 33.72 26.79 2.22
C HIS C 573 35.03 26.91 3.00
N ASN C 574 35.87 27.86 2.59
CA ASN C 574 37.23 27.94 3.10
C ASN C 574 37.26 28.42 4.56
N ASP C 575 36.21 29.13 4.99
CA ASP C 575 36.01 29.53 6.38
C ASP C 575 37.16 30.42 6.88
N GLY C 576 37.38 31.52 6.16
CA GLY C 576 38.30 32.54 6.61
C GLY C 576 39.75 32.36 6.23
N THR C 577 40.06 31.53 5.23
CA THR C 577 41.42 31.31 4.79
C THR C 577 41.56 31.74 3.34
N LYS C 578 42.66 32.43 3.02
CA LYS C 578 42.87 32.96 1.68
C LYS C 578 43.12 31.81 0.70
N LEU C 579 42.45 31.86 -0.45
CA LEU C 579 42.58 30.83 -1.47
C LEU C 579 43.69 31.19 -2.44
N VAL C 580 44.78 30.43 -2.41
CA VAL C 580 45.97 30.74 -3.21
C VAL C 580 46.33 29.59 -4.14
N MET C 581 47.45 29.74 -4.84
CA MET C 581 47.93 28.79 -5.86
C MET C 581 46.86 28.65 -6.95
N LEU C 582 46.74 29.75 -7.69
CA LEU C 582 45.70 29.96 -8.67
C LEU C 582 45.85 29.12 -9.93
N ASN C 583 47.02 28.55 -10.20
CA ASN C 583 47.23 27.83 -11.45
C ASN C 583 46.37 26.58 -11.55
N ASN C 584 46.04 25.97 -10.41
CA ASN C 584 45.13 24.83 -10.41
C ASN C 584 43.76 25.23 -10.94
N LEU C 585 43.16 26.28 -10.37
CA LEU C 585 41.86 26.72 -10.87
C LEU C 585 41.97 27.29 -12.29
N LYS C 586 43.16 27.70 -12.71
CA LYS C 586 43.37 27.93 -14.15
C LYS C 586 43.24 26.63 -14.94
N LYS C 587 43.63 25.50 -14.36
CA LYS C 587 43.61 24.24 -15.10
C LYS C 587 42.22 23.62 -15.24
N MET C 588 41.19 24.16 -14.59
CA MET C 588 39.82 23.73 -14.88
C MET C 588 39.47 23.99 -16.33
N THR C 589 39.11 22.93 -17.04
CA THR C 589 38.70 23.02 -18.44
C THR C 589 37.20 22.92 -18.62
N ASN C 590 36.57 21.84 -18.14
CA ASN C 590 35.14 21.62 -18.34
C ASN C 590 34.32 21.89 -17.08
N LEU C 591 34.88 22.54 -16.07
CA LEU C 591 34.09 22.91 -14.90
C LEU C 591 33.02 23.94 -15.27
N THR C 592 31.82 23.73 -14.74
CA THR C 592 30.69 24.61 -15.04
C THR C 592 30.21 25.41 -13.84
N GLU C 593 30.31 24.87 -12.62
CA GLU C 593 29.80 25.54 -11.43
C GLU C 593 30.94 25.68 -10.43
N LEU C 594 31.36 26.93 -10.21
CA LEU C 594 32.41 27.25 -9.25
C LEU C 594 31.76 27.93 -8.05
N GLU C 595 31.81 27.28 -6.89
CA GLU C 595 31.15 27.78 -5.68
C GLU C 595 32.23 28.05 -4.63
N LEU C 596 32.84 29.23 -4.70
CA LEU C 596 33.88 29.60 -3.74
C LEU C 596 33.23 30.47 -2.67
N VAL C 597 32.63 29.81 -1.70
CA VAL C 597 31.94 30.49 -0.61
C VAL C 597 32.93 30.78 0.50
N HIS C 598 33.16 32.08 0.75
CA HIS C 598 34.03 32.56 1.83
C HIS C 598 35.43 31.99 1.71
N CYS C 599 36.05 32.21 0.55
CA CYS C 599 37.43 31.83 0.32
C CYS C 599 38.41 32.93 0.70
N ASP C 600 37.94 33.95 1.43
CA ASP C 600 38.75 35.10 1.85
C ASP C 600 39.44 35.77 0.67
N LEU C 601 38.69 35.92 -0.42
CA LEU C 601 39.21 36.51 -1.64
C LEU C 601 39.10 38.03 -1.52
N GLU C 602 40.25 38.71 -1.48
CA GLU C 602 40.26 40.16 -1.38
C GLU C 602 39.79 40.83 -2.67
N ARG C 603 39.76 40.08 -3.77
CA ARG C 603 39.17 40.54 -5.02
C ARG C 603 38.84 39.28 -5.83
N ILE C 604 38.49 39.47 -7.10
CA ILE C 604 38.35 38.31 -7.98
C ILE C 604 39.71 37.73 -8.28
N PRO C 605 39.95 36.45 -8.01
CA PRO C 605 41.23 35.85 -8.40
C PRO C 605 41.36 35.76 -9.92
N HIS C 606 42.61 35.83 -10.38
CA HIS C 606 42.87 35.64 -11.80
C HIS C 606 42.56 34.21 -12.24
N ALA C 607 42.63 33.25 -11.31
CA ALA C 607 42.23 31.88 -11.58
C ALA C 607 40.76 31.76 -11.93
N VAL C 608 39.89 32.43 -11.16
CA VAL C 608 38.46 32.43 -11.42
C VAL C 608 38.19 32.99 -12.81
N PHE C 609 39.02 33.95 -13.23
CA PHE C 609 38.83 34.62 -14.50
C PHE C 609 39.51 33.87 -15.65
N SER C 610 40.40 32.92 -15.33
CA SER C 610 40.97 32.05 -16.34
C SER C 610 40.08 30.86 -16.65
N LEU C 611 38.97 30.70 -15.92
CA LEU C 611 37.95 29.75 -16.31
C LEU C 611 37.43 30.10 -17.69
N LEU C 612 37.11 29.07 -18.47
CA LEU C 612 36.66 29.30 -19.84
C LEU C 612 35.31 28.64 -20.11
N SER C 613 34.88 27.74 -19.23
CA SER C 613 33.61 27.04 -19.40
C SER C 613 32.68 27.19 -18.20
N LEU C 614 32.84 28.24 -17.40
CA LEU C 614 32.02 28.41 -16.20
C LEU C 614 30.59 28.80 -16.56
N GLN C 615 29.64 28.31 -15.77
CA GLN C 615 28.24 28.66 -15.90
C GLN C 615 27.67 29.32 -14.66
N GLU C 616 28.18 29.00 -13.48
CA GLU C 616 27.70 29.59 -12.23
C GLU C 616 28.90 29.87 -11.34
N LEU C 617 29.11 31.14 -11.01
CA LEU C 617 30.20 31.56 -10.12
C LEU C 617 29.60 32.15 -8.86
N ASP C 618 30.00 31.61 -7.71
CA ASP C 618 29.55 32.10 -6.40
C ASP C 618 30.77 32.51 -5.60
N LEU C 619 30.84 33.80 -5.27
CA LEU C 619 31.88 34.35 -4.41
C LEU C 619 31.26 34.96 -3.15
N LYS C 620 30.31 34.24 -2.56
CA LYS C 620 29.64 34.70 -1.36
C LYS C 620 30.61 34.78 -0.18
N GLU C 621 30.44 35.82 0.63
CA GLU C 621 31.26 36.11 1.81
C GLU C 621 32.74 36.28 1.44
N ASN C 622 33.02 36.62 0.20
CA ASN C 622 34.36 36.95 -0.26
C ASN C 622 34.45 38.46 -0.45
N ASN C 623 35.35 39.09 0.29
CA ASN C 623 35.42 40.56 0.33
C ASN C 623 36.04 41.06 -0.97
N LEU C 624 35.24 41.02 -2.04
CA LEU C 624 35.66 41.53 -3.33
C LEU C 624 35.76 43.04 -3.29
N LYS C 625 36.82 43.58 -3.88
CA LYS C 625 37.00 45.03 -3.93
C LYS C 625 36.41 45.64 -5.19
N SER C 626 36.48 44.95 -6.32
CA SER C 626 36.01 45.50 -7.58
C SER C 626 35.71 44.37 -8.55
N ILE C 627 34.97 44.72 -9.61
CA ILE C 627 34.75 43.84 -10.74
C ILE C 627 35.29 44.58 -11.96
N GLU C 628 36.55 44.33 -12.29
CA GLU C 628 37.30 45.17 -13.23
C GLU C 628 37.80 44.44 -14.46
N GLU C 629 38.17 43.16 -14.35
CA GLU C 629 38.82 42.43 -15.44
C GLU C 629 37.83 41.98 -16.51
N ILE C 630 36.58 42.45 -16.44
CA ILE C 630 35.43 41.87 -17.14
C ILE C 630 35.57 41.90 -18.67
N VAL C 631 36.61 42.54 -19.20
CA VAL C 631 36.88 42.52 -20.64
C VAL C 631 37.09 41.10 -21.16
N SER C 632 37.33 40.13 -20.27
CA SER C 632 37.43 38.73 -20.66
C SER C 632 36.32 37.85 -20.10
N PHE C 633 35.31 38.42 -19.44
CA PHE C 633 34.12 37.62 -19.16
C PHE C 633 33.31 37.30 -20.41
N GLN C 634 33.64 37.92 -21.55
CA GLN C 634 32.95 37.62 -22.81
C GLN C 634 33.25 36.19 -23.29
N HIS C 635 34.39 35.63 -22.89
CA HIS C 635 34.67 34.22 -23.16
C HIS C 635 33.82 33.27 -22.32
N LEU C 636 33.25 33.73 -21.22
CA LEU C 636 32.26 32.92 -20.51
C LEU C 636 30.85 33.16 -21.05
N ARG C 637 30.68 32.90 -22.35
CA ARG C 637 29.37 32.93 -22.97
C ARG C 637 28.47 31.83 -22.42
N LYS C 638 29.05 30.77 -21.84
CA LYS C 638 28.26 29.73 -21.19
C LYS C 638 27.75 30.16 -19.82
N LEU C 639 28.27 31.25 -19.27
CA LEU C 639 27.87 31.69 -17.93
C LEU C 639 26.50 32.36 -17.99
N THR C 640 25.61 31.94 -17.09
CA THR C 640 24.32 32.59 -16.91
C THR C 640 24.06 33.00 -15.47
N VAL C 641 24.84 32.51 -14.50
CA VAL C 641 24.57 32.72 -13.08
C VAL C 641 25.80 33.39 -12.46
N LEU C 642 25.61 34.61 -11.97
CA LEU C 642 26.65 35.34 -11.25
C LEU C 642 26.15 35.56 -9.82
N LYS C 643 26.80 34.91 -8.86
CA LYS C 643 26.38 34.96 -7.46
C LYS C 643 27.44 35.74 -6.68
N LEU C 644 27.15 37.01 -6.41
CA LEU C 644 28.09 37.90 -5.72
C LEU C 644 27.39 38.70 -4.64
N TRP C 645 26.60 38.03 -3.80
CA TRP C 645 25.93 38.73 -2.71
C TRP C 645 26.57 38.35 -1.37
N TYR C 646 26.14 39.06 -0.32
CA TYR C 646 26.80 39.05 0.99
C TYR C 646 28.28 39.44 0.87
N ASN C 647 28.53 40.49 0.09
CA ASN C 647 29.89 40.96 -0.18
C ASN C 647 29.99 42.44 0.14
N SER C 648 31.16 43.02 -0.16
CA SER C 648 31.47 44.42 0.13
C SER C 648 31.69 45.24 -1.14
N ILE C 649 31.10 44.81 -2.26
CA ILE C 649 31.21 45.56 -3.51
C ILE C 649 30.43 46.86 -3.38
N ALA C 650 31.03 47.97 -3.83
CA ALA C 650 30.42 49.28 -3.73
C ALA C 650 29.94 49.85 -5.07
N TYR C 651 30.32 49.24 -6.20
CA TYR C 651 29.92 49.78 -7.49
C TYR C 651 29.97 48.67 -8.53
N ILE C 652 29.16 48.85 -9.58
CA ILE C 652 29.15 47.96 -10.73
C ILE C 652 29.46 48.77 -11.99
N PRO C 653 30.67 48.65 -12.56
CA PRO C 653 30.99 49.43 -13.77
C PRO C 653 30.26 48.93 -15.02
N GLU C 654 30.48 49.62 -16.14
CA GLU C 654 29.83 49.27 -17.40
C GLU C 654 30.28 47.92 -17.94
N HIS C 655 31.39 47.39 -17.43
CA HIS C 655 32.05 46.22 -18.01
C HIS C 655 31.16 44.99 -18.04
N ILE C 656 30.15 44.92 -17.17
CA ILE C 656 29.19 43.82 -17.16
C ILE C 656 28.42 43.68 -18.46
N LYS C 657 28.54 44.67 -19.36
CA LYS C 657 27.95 44.54 -20.70
C LYS C 657 28.65 43.46 -21.54
N LYS C 658 29.81 42.97 -21.11
CA LYS C 658 30.55 41.98 -21.90
C LYS C 658 29.77 40.67 -22.01
N LEU C 659 29.12 40.25 -20.93
CA LEU C 659 28.37 38.99 -20.91
C LEU C 659 26.93 39.29 -21.30
N THR C 660 26.53 38.84 -22.48
CA THR C 660 25.16 38.97 -22.96
C THR C 660 24.31 37.74 -22.67
N SER C 661 24.86 36.74 -21.97
CA SER C 661 24.11 35.57 -21.55
C SER C 661 23.84 35.54 -20.05
N LEU C 662 24.09 36.65 -19.35
CA LEU C 662 23.90 36.68 -17.91
C LEU C 662 22.41 36.75 -17.57
N GLU C 663 21.97 35.80 -16.74
CA GLU C 663 20.58 35.74 -16.30
C GLU C 663 20.43 35.90 -14.80
N ARG C 664 21.21 35.18 -14.01
CA ARG C 664 21.13 35.20 -12.55
C ARG C 664 22.23 36.11 -12.02
N LEU C 665 21.83 37.26 -11.49
CA LEU C 665 22.77 38.24 -10.94
C LEU C 665 22.43 38.49 -9.48
N PHE C 666 23.43 38.32 -8.61
CA PHE C 666 23.28 38.50 -7.16
C PHE C 666 24.19 39.63 -6.72
N PHE C 667 23.61 40.68 -6.14
CA PHE C 667 24.39 41.77 -5.57
C PHE C 667 23.76 42.29 -4.28
N SER C 668 23.08 41.41 -3.53
CA SER C 668 22.40 41.83 -2.32
C SER C 668 23.38 41.93 -1.15
N HIS C 669 22.97 42.69 -0.14
CA HIS C 669 23.75 42.90 1.09
C HIS C 669 25.15 43.44 0.78
N ASN C 670 25.24 44.36 -0.17
CA ASN C 670 26.51 44.90 -0.63
C ASN C 670 26.68 46.34 -0.15
N LYS C 671 27.83 46.91 -0.47
CA LYS C 671 28.17 48.28 -0.10
C LYS C 671 27.86 49.28 -1.21
N VAL C 672 27.03 48.90 -2.17
CA VAL C 672 26.68 49.81 -3.26
C VAL C 672 25.73 50.88 -2.72
N GLU C 673 26.10 52.15 -2.91
CA GLU C 673 25.30 53.25 -2.41
C GLU C 673 24.39 53.87 -3.46
N VAL C 674 24.74 53.76 -4.74
CA VAL C 674 23.92 54.25 -5.85
C VAL C 674 23.97 53.21 -6.96
N LEU C 675 22.81 52.75 -7.39
CA LEU C 675 22.77 51.80 -8.50
C LEU C 675 23.16 52.49 -9.79
N PRO C 676 24.03 51.90 -10.60
CA PRO C 676 24.37 52.51 -11.89
C PRO C 676 23.29 52.28 -12.94
N SER C 677 23.28 53.18 -13.94
CA SER C 677 22.40 53.01 -15.09
C SER C 677 23.00 52.07 -16.13
N HIS C 678 24.33 52.02 -16.23
CA HIS C 678 24.95 51.12 -17.18
C HIS C 678 24.80 49.66 -16.78
N LEU C 679 24.51 49.39 -15.51
CA LEU C 679 24.06 48.06 -15.13
C LEU C 679 22.70 47.77 -15.75
N PHE C 680 21.81 48.76 -15.76
CA PHE C 680 20.50 48.61 -16.38
C PHE C 680 20.58 48.60 -17.90
N LEU C 681 21.72 49.01 -18.48
CA LEU C 681 21.86 48.99 -19.93
C LEU C 681 21.74 47.58 -20.49
N CYS C 682 22.19 46.58 -19.75
CA CYS C 682 22.00 45.18 -20.15
C CYS C 682 20.53 44.82 -19.99
N ASN C 683 19.96 44.19 -21.01
CA ASN C 683 18.54 43.84 -21.00
C ASN C 683 18.29 42.35 -20.85
N LYS C 684 19.32 41.51 -21.07
CA LYS C 684 19.15 40.07 -20.97
C LYS C 684 18.89 39.61 -19.54
N ILE C 685 19.43 40.34 -18.55
CA ILE C 685 19.38 39.95 -17.15
C ILE C 685 17.95 39.77 -16.67
N ARG C 686 17.63 38.56 -16.24
CA ARG C 686 16.28 38.21 -15.77
C ARG C 686 16.16 38.16 -14.25
N TYR C 687 17.26 37.88 -13.56
CA TYR C 687 17.29 37.81 -12.10
C TYR C 687 18.33 38.81 -11.59
N LEU C 688 17.86 39.85 -10.91
CA LEU C 688 18.73 40.88 -10.34
C LEU C 688 18.37 41.02 -8.86
N ASP C 689 19.29 40.60 -8.00
CA ASP C 689 19.08 40.60 -6.55
C ASP C 689 19.92 41.69 -5.92
N LEU C 690 19.27 42.64 -5.24
CA LEU C 690 19.95 43.74 -4.57
C LEU C 690 19.34 44.07 -3.22
N SER C 691 18.83 43.05 -2.52
CA SER C 691 18.17 43.27 -1.24
C SER C 691 19.16 43.74 -0.18
N TYR C 692 18.63 44.54 0.77
CA TYR C 692 19.37 45.01 1.94
C TYR C 692 20.60 45.83 1.56
N ASN C 693 20.57 46.47 0.39
CA ASN C 693 21.69 47.28 -0.06
C ASN C 693 21.55 48.71 0.47
N ASP C 694 22.47 49.57 0.05
CA ASP C 694 22.47 50.98 0.44
C ASP C 694 22.07 51.88 -0.72
N ILE C 695 21.28 51.38 -1.65
CA ILE C 695 20.98 52.12 -2.88
C ILE C 695 20.15 53.35 -2.56
N ARG C 696 20.56 54.50 -3.09
CA ARG C 696 19.83 55.74 -2.86
C ARG C 696 18.66 55.87 -3.81
N PHE C 697 18.89 55.67 -5.10
CA PHE C 697 17.84 55.85 -6.10
C PHE C 697 18.14 54.98 -7.32
N ILE C 698 17.12 54.79 -8.14
CA ILE C 698 17.23 53.98 -9.35
C ILE C 698 17.27 54.93 -10.54
N PRO C 699 18.35 54.94 -11.33
CA PRO C 699 18.36 55.75 -12.54
C PRO C 699 17.31 55.30 -13.52
N PRO C 700 16.79 56.21 -14.35
CA PRO C 700 15.69 55.88 -15.25
C PRO C 700 16.06 55.00 -16.43
N GLU C 701 17.26 54.44 -16.49
CA GLU C 701 17.65 53.54 -17.57
C GLU C 701 17.20 52.11 -17.32
N ILE C 702 16.48 51.85 -16.23
CA ILE C 702 16.02 50.50 -15.91
C ILE C 702 14.91 50.03 -16.84
N GLY C 703 14.34 50.93 -17.66
CA GLY C 703 13.33 50.53 -18.63
C GLY C 703 13.84 49.59 -19.69
N VAL C 704 15.15 49.57 -19.92
CA VAL C 704 15.74 48.60 -20.84
C VAL C 704 15.60 47.19 -20.30
N LEU C 705 15.65 47.04 -18.97
CA LEU C 705 15.58 45.73 -18.34
C LEU C 705 14.17 45.16 -18.39
N GLN C 706 13.69 44.86 -19.61
CA GLN C 706 12.33 44.35 -19.77
C GLN C 706 12.23 42.88 -19.37
N SER C 707 13.26 42.09 -19.69
CA SER C 707 13.25 40.67 -19.37
C SER C 707 13.45 40.37 -17.89
N LEU C 708 13.70 41.39 -17.08
CA LEU C 708 13.89 41.22 -15.65
C LEU C 708 12.63 40.66 -15.00
N GLN C 709 12.71 39.41 -14.51
CA GLN C 709 11.62 38.79 -13.79
C GLN C 709 11.82 38.80 -12.28
N TYR C 710 12.92 39.38 -11.80
CA TYR C 710 13.22 39.42 -10.37
C TYR C 710 14.06 40.65 -10.09
N PHE C 711 13.48 41.63 -9.40
CA PHE C 711 14.19 42.84 -9.00
C PHE C 711 13.91 43.07 -7.52
N SER C 712 14.73 42.44 -6.67
CA SER C 712 14.59 42.57 -5.22
C SER C 712 15.39 43.78 -4.76
N ILE C 713 14.69 44.87 -4.47
CA ILE C 713 15.31 46.10 -4.02
C ILE C 713 14.88 46.34 -2.58
N THR C 714 14.31 45.31 -1.96
CA THR C 714 13.73 45.43 -0.63
C THR C 714 14.80 45.72 0.42
N CYS C 715 14.38 46.38 1.51
CA CYS C 715 15.22 46.69 2.67
C CYS C 715 16.43 47.55 2.30
N ASN C 716 16.31 48.34 1.24
CA ASN C 716 17.36 49.23 0.81
C ASN C 716 17.11 50.64 1.35
N LYS C 717 17.91 51.59 0.90
CA LYS C 717 17.75 52.99 1.26
C LYS C 717 17.01 53.78 0.20
N VAL C 718 16.37 53.11 -0.75
CA VAL C 718 15.80 53.77 -1.92
C VAL C 718 14.58 54.59 -1.49
N GLU C 719 14.64 55.89 -1.74
CA GLU C 719 13.54 56.80 -1.41
C GLU C 719 12.69 57.16 -2.61
N SER C 720 13.28 57.28 -3.79
CA SER C 720 12.56 57.63 -5.02
C SER C 720 12.63 56.45 -5.98
N LEU C 721 11.46 55.99 -6.43
CA LEU C 721 11.37 54.93 -7.42
C LEU C 721 10.84 55.50 -8.73
N PRO C 722 11.63 55.46 -9.80
CA PRO C 722 11.16 56.05 -11.06
C PRO C 722 10.06 55.22 -11.71
N ASP C 723 9.28 55.89 -12.55
CA ASP C 723 8.20 55.25 -13.30
C ASP C 723 8.71 54.36 -14.42
N GLU C 724 10.00 54.42 -14.76
CA GLU C 724 10.54 53.58 -15.81
C GLU C 724 10.54 52.11 -15.43
N LEU C 725 10.65 51.79 -14.14
CA LEU C 725 10.65 50.40 -13.71
C LEU C 725 9.28 49.76 -13.89
N TYR C 726 8.21 50.54 -13.75
CA TYR C 726 6.87 50.02 -13.92
C TYR C 726 6.49 49.80 -15.38
N PHE C 727 7.31 50.30 -16.31
CA PHE C 727 7.09 50.00 -17.72
C PHE C 727 7.38 48.54 -18.02
N CYS C 728 8.35 47.95 -17.31
CA CYS C 728 8.73 46.56 -17.51
C CYS C 728 7.64 45.68 -16.89
N LYS C 729 6.92 44.95 -17.74
CA LYS C 729 5.77 44.17 -17.30
C LYS C 729 6.12 42.73 -16.96
N LYS C 730 7.32 42.27 -17.32
CA LYS C 730 7.69 40.88 -17.07
C LYS C 730 8.16 40.64 -15.63
N LEU C 731 8.27 41.68 -14.82
CA LEU C 731 8.75 41.55 -13.46
C LEU C 731 7.74 40.80 -12.60
N LYS C 732 8.03 39.53 -12.29
CA LYS C 732 7.12 38.66 -11.55
C LYS C 732 7.36 38.70 -10.05
N THR C 733 8.62 38.63 -9.62
CA THR C 733 8.97 38.61 -8.20
C THR C 733 9.61 39.95 -7.87
N LEU C 734 8.81 40.86 -7.30
CA LEU C 734 9.25 42.20 -6.94
C LEU C 734 9.04 42.42 -5.45
N LYS C 735 10.12 42.73 -4.74
CA LYS C 735 10.08 42.96 -3.30
C LYS C 735 10.64 44.34 -3.01
N ILE C 736 9.82 45.22 -2.43
CA ILE C 736 10.25 46.58 -2.09
C ILE C 736 9.94 46.77 -0.60
N GLY C 737 9.96 45.69 0.17
CA GLY C 737 9.65 45.79 1.57
C GLY C 737 10.75 46.45 2.38
N LYS C 738 10.34 47.18 3.42
CA LYS C 738 11.24 47.85 4.37
C LYS C 738 12.16 48.84 3.67
N ASN C 739 11.67 49.48 2.62
CA ASN C 739 12.45 50.45 1.88
C ASN C 739 12.19 51.85 2.46
N SER C 740 12.66 52.88 1.75
CA SER C 740 12.51 54.27 2.17
C SER C 740 11.51 55.03 1.30
N LEU C 741 10.60 54.33 0.65
CA LEU C 741 9.63 54.98 -0.22
C LEU C 741 8.61 55.78 0.59
N SER C 742 7.89 56.65 -0.10
CA SER C 742 6.83 57.46 0.48
C SER C 742 5.45 57.08 -0.03
N VAL C 743 5.27 57.03 -1.34
CA VAL C 743 3.99 56.69 -1.97
C VAL C 743 4.22 55.57 -2.96
N LEU C 744 3.17 54.84 -3.30
CA LEU C 744 3.26 53.78 -4.30
C LEU C 744 2.70 54.26 -5.63
N SER C 745 3.36 53.85 -6.72
CA SER C 745 2.99 54.33 -8.04
C SER C 745 1.62 53.80 -8.43
N PRO C 746 0.69 54.67 -8.86
CA PRO C 746 -0.63 54.21 -9.30
C PRO C 746 -0.56 53.32 -10.53
N LYS C 747 0.37 53.62 -11.43
CA LYS C 747 0.52 52.84 -12.66
C LYS C 747 1.28 51.56 -12.31
N ILE C 748 0.52 50.52 -11.97
CA ILE C 748 1.10 49.22 -11.61
C ILE C 748 0.32 48.13 -12.35
N GLY C 749 -0.81 48.52 -12.96
CA GLY C 749 -1.68 47.57 -13.62
C GLY C 749 -1.11 46.96 -14.88
N ASN C 750 -0.08 47.58 -15.49
CA ASN C 750 0.55 47.00 -16.66
C ASN C 750 1.35 45.74 -16.32
N LEU C 751 1.69 45.55 -15.05
CA LEU C 751 2.38 44.33 -14.60
C LEU C 751 1.37 43.21 -14.52
N LEU C 752 1.12 42.57 -15.68
CA LEU C 752 0.18 41.46 -15.73
C LEU C 752 0.75 40.25 -14.98
N PHE C 753 2.04 39.99 -15.11
CA PHE C 753 2.70 38.87 -14.46
C PHE C 753 3.44 39.43 -13.24
N LEU C 754 2.77 39.44 -12.10
CA LEU C 754 3.34 39.98 -10.85
C LEU C 754 2.75 39.18 -9.69
N SER C 755 3.50 38.17 -9.24
CA SER C 755 3.02 37.32 -8.15
C SER C 755 3.44 37.86 -6.79
N TYR C 756 4.70 38.26 -6.66
CA TYR C 756 5.23 38.81 -5.41
C TYR C 756 5.16 40.33 -5.37
N LEU C 757 4.56 40.84 -4.31
CA LEU C 757 4.70 42.24 -3.91
C LEU C 757 4.80 42.28 -2.39
N ASP C 758 5.90 42.83 -1.88
CA ASP C 758 6.15 42.90 -0.44
C ASP C 758 6.43 44.37 -0.08
N ILE C 759 5.63 44.92 0.84
CA ILE C 759 5.74 46.33 1.21
C ILE C 759 5.77 46.48 2.72
N LYS C 760 6.08 45.40 3.43
CA LYS C 760 6.07 45.44 4.90
C LYS C 760 7.16 46.37 5.43
N GLY C 761 6.82 47.10 6.49
CA GLY C 761 7.75 47.97 7.17
C GLY C 761 7.88 49.36 6.58
N ASN C 762 7.68 49.51 5.27
CA ASN C 762 7.83 50.79 4.61
C ASN C 762 6.66 51.71 4.96
N HIS C 763 6.96 52.99 5.13
CA HIS C 763 5.95 53.95 5.55
C HIS C 763 5.10 54.34 4.34
N PHE C 764 3.77 54.21 4.49
CA PHE C 764 2.82 54.59 3.45
C PHE C 764 1.71 55.40 4.09
N GLU C 765 1.13 56.31 3.30
CA GLU C 765 0.02 57.12 3.81
C GLU C 765 -1.32 56.43 3.61
N VAL C 766 -1.70 56.18 2.36
CA VAL C 766 -2.97 55.54 2.02
C VAL C 766 -2.70 54.56 0.88
N LEU C 767 -3.15 53.32 1.05
CA LEU C 767 -3.06 52.36 -0.04
C LEU C 767 -4.05 52.74 -1.14
N PRO C 768 -3.60 52.95 -2.36
CA PRO C 768 -4.50 53.37 -3.44
C PRO C 768 -5.38 52.21 -3.88
N PRO C 769 -6.51 52.49 -4.52
CA PRO C 769 -7.32 51.41 -5.10
C PRO C 769 -6.62 50.67 -6.23
N GLU C 770 -5.56 51.25 -6.81
CA GLU C 770 -4.86 50.65 -7.94
C GLU C 770 -4.12 49.37 -7.58
N LEU C 771 -3.98 49.05 -6.29
CA LEU C 771 -3.47 47.74 -5.91
C LEU C 771 -4.43 46.63 -6.32
N GLY C 772 -5.70 46.96 -6.54
CA GLY C 772 -6.62 46.01 -7.13
C GLY C 772 -6.42 45.82 -8.62
N ASP C 773 -5.62 46.67 -9.26
CA ASP C 773 -5.39 46.56 -10.70
C ASP C 773 -4.43 45.42 -11.05
N CYS C 774 -3.63 44.95 -10.10
CA CYS C 774 -2.70 43.87 -10.35
C CYS C 774 -3.46 42.57 -10.60
N ARG C 775 -3.06 41.83 -11.63
CA ARG C 775 -3.82 40.65 -12.02
C ARG C 775 -3.30 39.38 -11.36
N ALA C 776 -1.98 39.18 -11.36
CA ALA C 776 -1.38 37.98 -10.79
C ALA C 776 -1.15 38.09 -9.29
N LEU C 777 -1.51 39.23 -8.69
CA LEU C 777 -1.31 39.42 -7.25
C LEU C 777 -2.25 38.53 -6.45
N LYS C 778 -1.76 38.06 -5.31
CA LYS C 778 -2.53 37.24 -4.40
C LYS C 778 -2.41 37.83 -3.00
N ARG C 779 -3.46 37.61 -2.19
CA ARG C 779 -3.46 38.12 -0.82
C ARG C 779 -2.33 37.51 0.00
N ALA C 780 -2.10 36.22 -0.15
CA ALA C 780 -0.94 35.60 0.47
C ALA C 780 0.35 36.07 -0.20
N GLY C 781 0.30 36.38 -1.50
CA GLY C 781 1.46 36.95 -2.17
C GLY C 781 1.68 38.42 -1.89
N LEU C 782 0.63 39.14 -1.48
CA LEU C 782 0.74 40.56 -1.15
C LEU C 782 0.85 40.66 0.37
N VAL C 783 2.08 40.63 0.85
CA VAL C 783 2.34 40.63 2.29
C VAL C 783 2.18 42.06 2.80
N VAL C 784 1.02 42.37 3.39
CA VAL C 784 0.73 43.68 3.95
C VAL C 784 0.18 43.46 5.35
N GLU C 785 0.39 44.45 6.22
CA GLU C 785 -0.07 44.41 7.60
C GLU C 785 -1.58 44.34 7.67
N ASP C 786 -2.08 43.89 8.83
CA ASP C 786 -3.52 43.77 9.04
C ASP C 786 -4.19 45.14 9.08
N ALA C 787 -3.50 46.15 9.63
CA ALA C 787 -4.06 47.50 9.68
C ALA C 787 -4.28 48.06 8.28
N LEU C 788 -3.30 47.87 7.39
CA LEU C 788 -3.48 48.31 6.02
C LEU C 788 -4.34 47.33 5.23
N PHE C 789 -4.47 46.09 5.70
CA PHE C 789 -5.47 45.18 5.15
C PHE C 789 -6.87 45.70 5.40
N GLU C 790 -7.09 46.34 6.55
CA GLU C 790 -8.36 47.01 6.81
C GLU C 790 -8.56 48.21 5.88
N THR C 791 -7.49 48.95 5.57
CA THR C 791 -7.62 50.14 4.73
C THR C 791 -7.66 49.78 3.26
N LEU C 792 -8.60 48.92 2.87
CA LEU C 792 -8.81 48.56 1.48
C LEU C 792 -10.32 48.40 1.26
N PRO C 793 -10.81 48.73 0.07
CA PRO C 793 -12.23 48.46 -0.24
C PRO C 793 -12.51 46.97 -0.24
N SER C 794 -13.76 46.62 0.10
CA SER C 794 -14.14 45.21 0.24
C SER C 794 -13.98 44.47 -1.08
N ASP C 795 -14.36 45.10 -2.20
CA ASP C 795 -14.12 44.50 -3.51
C ASP C 795 -12.62 44.36 -3.77
N VAL C 796 -11.83 45.36 -3.38
CA VAL C 796 -10.38 45.28 -3.54
C VAL C 796 -9.82 44.21 -2.61
N ARG C 797 -10.40 44.05 -1.41
CA ARG C 797 -10.01 42.96 -0.52
C ARG C 797 -10.24 41.61 -1.18
N GLU C 798 -11.44 41.41 -1.73
CA GLU C 798 -11.81 40.13 -2.34
C GLU C 798 -11.07 39.89 -3.65
N GLN C 799 -10.55 40.94 -4.29
CA GLN C 799 -9.84 40.79 -5.55
C GLN C 799 -8.61 39.90 -5.39
N MET C 800 -7.89 40.03 -4.29
CA MET C 800 -6.76 39.16 -4.00
C MET C 800 -7.06 38.11 -2.94
N LYS C 801 -8.07 38.32 -2.10
CA LYS C 801 -8.40 37.37 -1.04
C LYS C 801 -9.05 36.12 -1.59
N ALA C 802 -9.98 36.27 -2.54
CA ALA C 802 -10.73 35.13 -3.08
C ALA C 802 -9.96 34.50 -4.24
N ASP C 803 -8.85 33.87 -3.88
CA ASP C 803 -7.98 33.13 -4.81
C ASP C 803 -7.52 33.97 -5.99
#